data_7G60
#
_entry.id   7G60
#
_cell.length_a   83.842
_cell.length_b   91.660
_cell.length_c   119.990
_cell.angle_alpha   90.000
_cell.angle_beta   90.000
_cell.angle_gamma   90.000
#
_symmetry.space_group_name_H-M   'P 21 21 21'
#
loop_
_entity.id
_entity.type
_entity.pdbx_description
1 polymer 'Isoform 2 of Ectonucleotide pyrophosphatase/phosphodiesterase family member 2'
2 branched alpha-D-mannopyranose-(1-2)-alpha-D-mannopyranose-(1-3)-alpha-D-mannopyranose-(1-6)-[alpha-D-mannopyranose-(1-2)-alpha-D-mannopyranose-(1-3)]alpha-D-mannopyranose-(1-4)-2-acetamido-2-deoxy-beta-D-glucopyranose-(1-4)-2-acetamido-2-deoxy-beta-D-glucopyranose
3 non-polymer (2R)-6-chloro-2-{[6-(methanesulfonyl)-6,7-dihydro-5H-pyrrolo[3,4-d]pyrimidin-2-yl]amino}-2,3-dihydro-1H-indene-4-carbonitrile
4 non-polymer 'CALCIUM ION'
5 non-polymer 'POTASSIUM ION'
6 non-polymer 'ACETATE ION'
7 non-polymer 'ZINC ION'
8 non-polymer 'SODIUM ION'
9 water water
#
_entity_poly.entity_id   1
_entity_poly.type   'polypeptide(L)'
_entity_poly.pdbx_seq_one_letter_code
;FTASRIKRAEWDEGPPTVLSDSPWTATSGSCKGRCFELQEVGPPDCRCDNLCKSYSSCCHDFDELCLKTARGWECTKDRC
GEVRNEENACHCSEDCLSRGDCCTNYQVVCKGESHWVDDDCEEIKVPECPAGFVRPPLIIFSVDGFRASYMKKGSKVMPN
IEKLRSCGTHAPYMRPVYPTKTFPNLYTLATGLYPESHGIVGNSMYDPVFDASFHLRGREKFNHRWWGGQPLWITATKQG
VRAGTFFWSVSIPHERRILTILQWLSLPDNERPSVYAFYSEQPDFSGHKYGPFGPEMTNPLREIDKTVGQLMDGLKQLRL
HRCVNVIFVGDHGMEDVTCDRTEFLSNYLTNVDDITLVPGTLGRIRAKSINNSKYDPKTIIAALTCKKPDQHFKPYMKQH
LPKRLHYANNRRIEDIHLLVDRRWHVARKPLDVYKKPSGKCFFQGDHGFDNKVNSMQTVFVGYGPTFKYRTKVPPFENIE
LYNVMCDLLGLKPAPNNGTHGSLNHLLRTNTFRPTMPDEVSRPNYPGIMYLQSEFDLGCTCDDKVEPKNKLEELNKRLHT
KGSTKERHLLYGRPAVLYRTSYDILYHTDFESGYSEIFLMPLWTSYTISKQAEVSSIPEHLTNCVRPDVRVSPGFSQNCL
AYKNDKQMSYGFLFPPYLSSSPEAKYDAFLVTNMVPMYPAFKRVWAYFQRVLVKKYASERNGVNVISGPIFDYNYDGLRD
TEDEIKQYVEGSSIPVPTHYYSIITSCLDFTQPADKCDGPLSVSSFILPHRPDNDESCNSSEDESKWVEELMKMHTARVR
DIEHLTGLDFYRKTSRSYSEILTLKTYLHTYESEIGGRHHHHHHHH
;
_entity_poly.pdbx_strand_id   A
#
loop_
_chem_comp.id
_chem_comp.type
_chem_comp.name
_chem_comp.formula
ACT non-polymer 'ACETATE ION' 'C2 H3 O2 -1'
CA non-polymer 'CALCIUM ION' 'Ca 2'
K non-polymer 'POTASSIUM ION' 'K 1'
MAN D-saccharide, alpha linking alpha-D-mannopyranose 'C6 H12 O6'
NA non-polymer 'SODIUM ION' 'Na 1'
NAG D-saccharide, beta linking 2-acetamido-2-deoxy-beta-D-glucopyranose 'C8 H15 N O6'
YFI non-polymer (2R)-6-chloro-2-{[6-(methanesulfonyl)-6,7-dihydro-5H-pyrrolo[3,4-d]pyrimidin-2-yl]amino}-2,3-dihydro-1H-indene-4-carbonitrile 'C17 H16 Cl N5 O2 S'
ZN non-polymer 'ZINC ION' 'Zn 2'
#
# COMPACT_ATOMS: atom_id res chain seq x y z
N TRP A 24 -15.34 -2.08 37.75
CA TRP A 24 -15.84 -1.05 38.75
C TRP A 24 -14.88 0.15 38.83
N THR A 25 -15.44 1.37 38.88
CA THR A 25 -14.70 2.67 39.03
C THR A 25 -15.25 3.44 40.24
N ALA A 26 -14.35 3.87 41.12
CA ALA A 26 -14.58 4.80 42.24
C ALA A 26 -14.70 6.22 41.69
N THR A 27 -15.84 6.60 41.12
CA THR A 27 -16.08 7.94 40.47
C THR A 27 -16.08 9.07 41.53
N SER A 28 -16.05 8.72 42.83
CA SER A 28 -16.04 9.68 43.96
C SER A 28 -14.72 10.49 44.05
N GLY A 29 -13.60 10.04 43.44
CA GLY A 29 -12.39 10.88 43.26
C GLY A 29 -12.69 12.15 42.45
N SER A 30 -11.71 13.02 42.21
CA SER A 30 -11.92 14.36 41.58
C SER A 30 -10.91 14.62 40.46
N CYS A 31 -11.31 15.39 39.44
CA CYS A 31 -10.43 15.81 38.32
C CYS A 31 -9.78 17.16 38.61
N LYS A 32 -9.92 17.68 39.84
CA LYS A 32 -9.29 18.97 40.17
C LYS A 32 -7.77 18.90 39.94
N GLY A 33 -7.26 19.85 39.17
CA GLY A 33 -5.86 19.94 38.68
C GLY A 33 -5.42 18.76 37.81
N ARG A 34 -6.33 17.99 37.22
CA ARG A 34 -6.01 16.77 36.46
C ARG A 34 -6.65 16.81 35.08
N CYS A 35 -7.27 17.91 34.68
CA CYS A 35 -8.08 17.84 33.43
C CYS A 35 -7.20 17.51 32.23
N PHE A 36 -7.56 16.48 31.48
CA PHE A 36 -6.80 16.02 30.29
C PHE A 36 -5.39 15.69 30.70
N GLU A 37 -5.26 15.03 31.86
CA GLU A 37 -3.96 14.48 32.32
C GLU A 37 -3.48 13.49 31.27
N LEU A 38 -2.16 13.39 31.10
CA LEU A 38 -1.59 12.58 29.99
C LEU A 38 -1.38 11.10 30.31
N GLN A 39 -1.06 10.73 31.55
CA GLN A 39 -0.90 9.33 32.01
C GLN A 39 -2.27 8.90 32.54
N GLU A 40 -2.84 7.84 31.99
CA GLU A 40 -4.18 7.34 32.39
C GLU A 40 -3.96 6.53 33.68
N VAL A 41 -4.81 6.73 34.69
CA VAL A 41 -4.74 5.97 35.97
C VAL A 41 -5.50 4.65 35.83
N GLY A 42 -5.11 3.66 36.65
CA GLY A 42 -5.61 2.28 36.60
C GLY A 42 -6.88 2.13 37.43
N PRO A 43 -7.92 1.42 36.91
CA PRO A 43 -9.07 1.05 37.74
C PRO A 43 -8.58 0.44 39.05
N PRO A 44 -9.29 0.65 40.19
CA PRO A 44 -10.59 1.32 40.18
C PRO A 44 -10.53 2.86 40.28
N ASP A 45 -9.34 3.47 40.16
CA ASP A 45 -9.18 4.95 40.27
C ASP A 45 -9.89 5.63 39.10
N CYS A 46 -10.62 6.72 39.37
CA CYS A 46 -11.36 7.45 38.32
C CYS A 46 -10.41 8.28 37.46
N ARG A 47 -10.85 8.52 36.23
CA ARG A 47 -9.97 9.06 35.16
C ARG A 47 -10.39 10.48 34.79
N CYS A 48 -9.48 11.23 34.18
CA CYS A 48 -9.66 12.65 33.76
C CYS A 48 -9.01 12.85 32.39
N ASP A 49 -8.65 11.76 31.72
CA ASP A 49 -7.96 11.84 30.39
C ASP A 49 -8.97 11.92 29.23
N ASN A 50 -8.49 12.13 28.00
CA ASN A 50 -9.35 12.38 26.82
C ASN A 50 -10.14 11.13 26.41
N LEU A 51 -9.92 9.94 27.01
CA LEU A 51 -10.70 8.73 26.72
C LEU A 51 -11.60 8.30 27.88
N CYS A 52 -11.56 8.98 29.02
CA CYS A 52 -12.30 8.46 30.22
C CYS A 52 -13.78 8.27 29.84
N LYS A 53 -14.38 9.14 29.03
CA LYS A 53 -15.82 8.98 28.69
C LYS A 53 -16.09 7.64 28.02
N SER A 54 -15.20 7.23 27.13
CA SER A 54 -15.32 5.98 26.33
C SER A 54 -15.31 4.73 27.21
N TYR A 55 -14.73 4.83 28.40
CA TYR A 55 -14.64 3.73 29.38
C TYR A 55 -15.69 3.89 30.49
N SER A 56 -16.54 4.92 30.43
CA SER A 56 -17.51 5.24 31.50
C SER A 56 -16.79 5.29 32.85
N SER A 57 -15.61 5.90 32.89
CA SER A 57 -14.72 5.87 34.08
C SER A 57 -14.30 7.26 34.55
N CYS A 58 -14.85 8.34 34.03
CA CYS A 58 -14.44 9.71 34.42
C CYS A 58 -14.82 9.95 35.89
N CYS A 59 -14.04 10.74 36.58
CA CYS A 59 -14.43 11.21 37.94
C CYS A 59 -15.75 11.97 37.81
N HIS A 60 -16.49 12.00 38.90
CA HIS A 60 -17.83 12.60 38.94
C HIS A 60 -17.81 14.06 38.51
N ASP A 61 -16.69 14.80 38.63
CA ASP A 61 -16.66 16.24 38.35
C ASP A 61 -15.90 16.56 37.03
N PHE A 62 -15.75 15.56 36.17
CA PHE A 62 -15.03 15.74 34.88
C PHE A 62 -15.80 16.75 34.03
N ASP A 63 -17.12 16.60 33.87
CA ASP A 63 -17.83 17.56 32.98
C ASP A 63 -17.68 18.98 33.49
N GLU A 64 -17.97 19.19 34.78
CA GLU A 64 -17.93 20.51 35.41
C GLU A 64 -16.54 21.16 35.24
N LEU A 65 -15.49 20.40 35.53
CA LEU A 65 -14.11 21.01 35.59
C LEU A 65 -13.44 21.02 34.21
N CYS A 66 -13.61 19.96 33.43
CA CYS A 66 -12.80 19.68 32.22
C CYS A 66 -13.54 20.00 30.93
N LEU A 67 -14.88 20.03 30.92
CA LEU A 67 -15.64 20.29 29.68
C LEU A 67 -16.46 21.57 29.86
N LYS A 68 -15.83 22.64 30.33
CA LYS A 68 -16.52 23.97 30.44
C LYS A 68 -16.97 24.43 29.06
N THR A 69 -18.14 25.05 28.98
CA THR A 69 -18.75 25.56 27.72
C THR A 69 -19.12 27.04 27.87
N ALA A 70 -19.07 27.62 29.09
CA ALA A 70 -19.70 28.93 29.34
C ALA A 70 -19.08 29.97 28.41
N ARG A 71 -19.94 30.71 27.71
CA ARG A 71 -19.65 31.87 26.86
C ARG A 71 -19.01 31.38 25.55
N GLY A 72 -19.02 30.08 25.29
CA GLY A 72 -18.60 29.57 23.97
C GLY A 72 -17.10 29.68 23.75
N TRP A 73 -16.70 29.71 22.48
CA TRP A 73 -15.32 29.40 22.06
C TRP A 73 -14.61 30.64 21.54
N GLU A 74 -15.24 31.82 21.51
CA GLU A 74 -14.62 33.00 20.83
C GLU A 74 -14.64 34.20 21.77
N CYS A 75 -13.55 34.92 21.84
CA CYS A 75 -13.46 36.27 22.44
C CYS A 75 -14.31 37.23 21.59
N THR A 76 -14.95 38.18 22.26
CA THR A 76 -15.70 39.32 21.64
C THR A 76 -15.09 40.59 22.24
N LYS A 77 -15.28 41.72 21.60
CA LYS A 77 -14.64 43.00 22.04
C LYS A 77 -14.99 43.27 23.52
N ASP A 78 -16.21 42.99 23.97
CA ASP A 78 -16.62 43.25 25.39
C ASP A 78 -15.84 42.37 26.39
N ARG A 79 -15.25 41.24 26.00
CA ARG A 79 -14.55 40.36 26.97
C ARG A 79 -13.07 40.78 27.09
N CYS A 80 -12.54 41.58 26.18
CA CYS A 80 -11.10 41.89 26.15
C CYS A 80 -10.74 42.50 27.49
N GLY A 81 -9.71 41.96 28.12
CA GLY A 81 -9.17 42.44 29.41
C GLY A 81 -10.12 42.19 30.57
N GLU A 82 -11.11 41.32 30.40
CA GLU A 82 -12.05 40.86 31.45
C GLU A 82 -11.26 40.35 32.66
N VAL A 83 -11.93 40.40 33.82
CA VAL A 83 -11.47 39.71 35.05
C VAL A 83 -11.65 38.22 34.79
N ARG A 84 -10.60 37.42 35.01
CA ARG A 84 -10.65 35.95 34.70
C ARG A 84 -11.83 35.36 35.46
N ASN A 85 -12.71 34.61 34.78
CA ASN A 85 -13.78 33.80 35.40
C ASN A 85 -13.47 32.34 35.06
N GLU A 86 -13.02 31.54 36.03
CA GLU A 86 -12.54 30.16 35.79
C GLU A 86 -13.67 29.32 35.19
N GLU A 87 -14.95 29.72 35.27
CA GLU A 87 -16.09 28.95 34.71
C GLU A 87 -16.10 28.95 33.16
N ASN A 88 -15.49 29.94 32.53
CA ASN A 88 -15.54 30.17 31.07
C ASN A 88 -14.77 29.06 30.32
N ALA A 89 -15.32 28.69 29.16
CA ALA A 89 -14.72 27.65 28.29
C ALA A 89 -13.29 28.09 27.91
N CYS A 90 -13.09 29.36 27.62
CA CYS A 90 -11.75 29.89 27.27
C CYS A 90 -11.73 31.36 27.73
N HIS A 91 -10.56 31.97 27.73
CA HIS A 91 -10.37 33.24 28.46
C HIS A 91 -10.00 34.34 27.51
N CYS A 92 -10.31 35.57 27.92
CA CYS A 92 -9.91 36.76 27.14
C CYS A 92 -9.32 37.81 28.09
N SER A 93 -8.92 37.36 29.26
CA SER A 93 -8.22 38.14 30.31
C SER A 93 -6.75 38.33 29.93
N GLU A 94 -6.15 39.44 30.39
CA GLU A 94 -4.74 39.77 30.11
C GLU A 94 -3.82 38.61 30.49
N ASP A 95 -4.16 37.79 31.48
CA ASP A 95 -3.29 36.68 31.95
C ASP A 95 -3.45 35.41 31.09
N CYS A 96 -4.30 35.40 30.05
CA CYS A 96 -4.65 34.12 29.37
C CYS A 96 -3.44 33.58 28.60
N LEU A 97 -2.62 34.42 27.95
CA LEU A 97 -1.47 33.85 27.18
C LEU A 97 -0.50 33.18 28.15
N SER A 98 -0.30 33.78 29.33
CA SER A 98 0.55 33.26 30.43
C SER A 98 0.00 31.92 30.96
N ARG A 99 -1.31 31.81 31.10
CA ARG A 99 -1.98 30.56 31.59
C ARG A 99 -2.07 29.53 30.46
N GLY A 100 -2.01 30.00 29.21
CA GLY A 100 -2.09 29.16 27.98
C GLY A 100 -3.53 28.72 27.63
N ASP A 101 -4.53 29.49 28.06
CA ASP A 101 -5.95 29.11 27.94
C ASP A 101 -6.80 30.24 27.33
N CYS A 102 -6.20 31.13 26.55
CA CYS A 102 -6.97 32.09 25.74
C CYS A 102 -7.88 31.32 24.77
N CYS A 103 -9.03 31.88 24.46
CA CYS A 103 -9.74 31.53 23.20
C CYS A 103 -8.78 31.73 22.03
N THR A 104 -8.92 30.92 20.99
CA THR A 104 -7.92 30.91 19.92
C THR A 104 -7.95 32.22 19.15
N ASN A 105 -9.05 33.00 19.20
CA ASN A 105 -9.09 34.28 18.45
C ASN A 105 -8.76 35.45 19.37
N TYR A 106 -8.24 35.23 20.57
CA TYR A 106 -7.97 36.30 21.55
C TYR A 106 -7.14 37.42 20.92
N GLN A 107 -5.97 37.12 20.36
CA GLN A 107 -5.06 38.17 19.86
C GLN A 107 -5.68 38.91 18.68
N VAL A 108 -6.51 38.24 17.88
CA VAL A 108 -7.20 38.90 16.74
C VAL A 108 -8.20 39.92 17.31
N VAL A 109 -9.06 39.49 18.24
CA VAL A 109 -10.18 40.33 18.73
C VAL A 109 -9.58 41.43 19.62
N CYS A 110 -8.59 41.10 20.43
CA CYS A 110 -8.26 41.95 21.60
C CYS A 110 -6.96 42.70 21.38
N LYS A 111 -6.07 42.22 20.51
CA LYS A 111 -4.72 42.80 20.38
C LYS A 111 -4.40 43.16 18.93
N GLY A 112 -5.42 43.29 18.09
CA GLY A 112 -5.29 43.79 16.72
C GLY A 112 -4.52 42.87 15.79
N GLU A 113 -4.38 41.58 16.11
CA GLU A 113 -3.63 40.65 15.22
C GLU A 113 -4.51 40.16 14.05
N SER A 114 -3.86 39.65 13.02
CA SER A 114 -4.53 38.98 11.87
C SER A 114 -4.76 37.50 12.20
N HIS A 115 -5.81 36.93 11.62
CA HIS A 115 -5.93 35.45 11.59
C HIS A 115 -4.74 34.92 10.78
N TRP A 116 -4.29 33.71 11.14
CA TRP A 116 -3.16 33.06 10.40
C TRP A 116 -3.52 33.01 8.92
N VAL A 117 -4.75 32.68 8.57
CA VAL A 117 -5.10 32.42 7.16
C VAL A 117 -4.98 33.71 6.35
N ASP A 118 -5.06 34.87 7.00
CA ASP A 118 -4.99 36.16 6.27
C ASP A 118 -3.56 36.60 6.04
N ASP A 119 -2.59 35.92 6.63
CA ASP A 119 -1.16 36.26 6.47
C ASP A 119 -0.65 35.64 5.18
N ASP A 120 0.25 36.35 4.51
CA ASP A 120 0.99 35.87 3.31
C ASP A 120 1.73 34.59 3.71
N CYS A 121 1.78 33.62 2.81
CA CYS A 121 2.73 32.45 2.91
CA CYS A 121 2.71 32.48 2.92
C CYS A 121 4.14 33.05 2.98
N GLU A 122 4.91 32.64 3.95
CA GLU A 122 6.33 33.02 4.04
C GLU A 122 7.09 31.75 4.34
N GLU A 123 8.08 31.48 3.54
CA GLU A 123 8.89 30.26 3.66
C GLU A 123 9.41 30.12 5.11
N ILE A 124 9.37 28.94 5.66
CA ILE A 124 9.91 28.59 6.99
C ILE A 124 11.20 27.84 6.72
N LYS A 125 12.31 28.56 6.66
CA LYS A 125 13.60 27.92 6.31
C LYS A 125 14.20 27.20 7.50
N VAL A 126 13.98 27.73 8.71
CA VAL A 126 14.46 27.14 9.96
C VAL A 126 13.34 27.17 10.98
N PRO A 127 13.35 26.27 11.96
CA PRO A 127 12.37 26.33 13.04
C PRO A 127 12.56 27.65 13.79
N GLU A 128 11.47 28.36 14.05
CA GLU A 128 11.47 29.60 14.86
C GLU A 128 10.66 29.28 16.11
N CYS A 129 11.31 28.73 17.12
CA CYS A 129 10.68 28.14 18.32
C CYS A 129 11.00 28.98 19.56
N PRO A 130 10.08 29.04 20.53
CA PRO A 130 10.36 29.61 21.85
C PRO A 130 11.51 28.90 22.56
N ALA A 131 12.23 29.67 23.38
CA ALA A 131 13.26 29.05 24.23
C ALA A 131 12.68 27.85 24.97
N GLY A 132 13.46 26.78 25.05
CA GLY A 132 13.09 25.60 25.81
C GLY A 132 12.53 24.50 24.93
N PHE A 133 12.15 24.82 23.71
CA PHE A 133 11.72 23.79 22.70
C PHE A 133 12.97 23.07 22.16
N VAL A 134 13.12 21.75 22.42
CA VAL A 134 14.28 20.87 22.05
C VAL A 134 14.14 20.44 20.59
N ARG A 135 12.94 20.50 20.03
CA ARG A 135 12.69 19.97 18.67
C ARG A 135 11.36 20.59 18.25
N PRO A 136 11.12 20.80 16.94
CA PRO A 136 9.79 21.16 16.47
C PRO A 136 8.76 20.11 16.87
N PRO A 137 7.67 20.48 17.57
CA PRO A 137 6.58 19.53 17.81
C PRO A 137 5.96 19.12 16.47
N LEU A 138 5.32 17.96 16.51
CA LEU A 138 4.50 17.44 15.39
C LEU A 138 3.04 17.40 15.83
N ILE A 139 2.15 17.99 15.06
CA ILE A 139 0.70 17.92 15.29
C ILE A 139 0.08 17.24 14.07
N ILE A 140 -0.54 16.08 14.30
CA ILE A 140 -1.28 15.38 13.24
C ILE A 140 -2.74 15.79 13.35
N PHE A 141 -3.28 16.32 12.28
CA PHE A 141 -4.68 16.75 12.18
C PHE A 141 -5.35 15.72 11.25
N SER A 142 -5.98 14.75 11.88
CA SER A 142 -6.54 13.60 11.16
C SER A 142 -8.04 13.80 10.96
N VAL A 143 -8.46 13.58 9.72
CA VAL A 143 -9.87 13.75 9.28
C VAL A 143 -10.39 12.45 8.70
N ASP A 144 -11.54 12.02 9.17
CA ASP A 144 -12.17 10.75 8.75
CA ASP A 144 -12.19 10.75 8.78
C ASP A 144 -12.98 10.98 7.49
N GLY A 145 -12.79 10.12 6.50
CA GLY A 145 -13.58 10.13 5.27
C GLY A 145 -13.28 11.29 4.33
N PHE A 146 -12.15 11.94 4.46
CA PHE A 146 -11.80 13.13 3.68
C PHE A 146 -11.22 12.65 2.34
N ARG A 147 -12.09 12.56 1.35
CA ARG A 147 -11.77 12.12 0.00
C ARG A 147 -10.82 13.10 -0.67
N ALA A 148 -9.85 12.60 -1.44
CA ALA A 148 -8.79 13.37 -2.06
C ALA A 148 -9.35 14.55 -2.86
N SER A 149 -10.44 14.34 -3.57
CA SER A 149 -10.92 15.40 -4.48
C SER A 149 -11.60 16.54 -3.72
N TYR A 150 -11.83 16.42 -2.43
CA TYR A 150 -12.36 17.56 -1.66
C TYR A 150 -11.35 18.70 -1.72
N MET A 151 -10.04 18.44 -1.85
CA MET A 151 -9.06 19.55 -1.82
CA MET A 151 -9.10 19.58 -1.77
C MET A 151 -9.32 20.52 -2.96
N LYS A 152 -9.70 20.00 -4.13
CA LYS A 152 -10.08 20.88 -5.28
C LYS A 152 -11.56 21.28 -5.15
N LYS A 153 -12.48 20.34 -4.98
CA LYS A 153 -13.93 20.57 -5.12
C LYS A 153 -14.48 21.43 -3.98
N GLY A 154 -13.87 21.39 -2.80
CA GLY A 154 -14.25 22.16 -1.63
C GLY A 154 -13.34 23.35 -1.41
N SER A 155 -12.45 23.71 -2.32
CA SER A 155 -11.40 24.73 -2.07
C SER A 155 -12.02 26.06 -1.67
N LYS A 156 -13.15 26.44 -2.27
CA LYS A 156 -13.72 27.80 -1.98
C LYS A 156 -14.23 27.91 -0.56
N VAL A 157 -14.47 26.81 0.16
CA VAL A 157 -15.01 26.89 1.52
C VAL A 157 -13.96 26.44 2.57
N MET A 158 -12.72 26.21 2.14
CA MET A 158 -11.67 25.71 3.08
C MET A 158 -10.42 26.55 2.99
N PRO A 159 -10.46 27.87 3.29
CA PRO A 159 -9.27 28.70 3.12
C PRO A 159 -8.08 28.30 4.00
N ASN A 160 -8.28 27.90 5.25
CA ASN A 160 -7.13 27.52 6.10
C ASN A 160 -6.43 26.27 5.52
N ILE A 161 -7.23 25.26 5.17
CA ILE A 161 -6.68 24.01 4.58
C ILE A 161 -6.01 24.31 3.24
N GLU A 162 -6.61 25.17 2.41
CA GLU A 162 -6.00 25.51 1.11
C GLU A 162 -4.67 26.26 1.31
N LYS A 163 -4.54 27.05 2.37
CA LYS A 163 -3.25 27.72 2.63
C LYS A 163 -2.19 26.68 3.08
N LEU A 164 -2.56 25.77 3.96
CA LEU A 164 -1.60 24.69 4.34
C LEU A 164 -1.14 23.97 3.08
N ARG A 165 -2.10 23.60 2.24
CA ARG A 165 -1.82 22.82 1.02
CA ARG A 165 -1.84 22.83 1.01
C ARG A 165 -0.92 23.61 0.07
N SER A 166 -1.22 24.88 -0.19
CA SER A 166 -0.47 25.62 -1.24
C SER A 166 0.91 26.02 -0.71
N CYS A 167 1.01 26.32 0.57
CA CYS A 167 2.28 26.87 1.13
CA CYS A 167 2.26 26.88 1.17
C CYS A 167 3.22 25.75 1.57
N GLY A 168 2.67 24.59 1.94
CA GLY A 168 3.50 23.48 2.40
C GLY A 168 3.80 22.50 1.29
N THR A 169 3.83 21.24 1.69
CA THR A 169 4.13 20.09 0.83
C THR A 169 2.84 19.30 0.70
N HIS A 170 2.39 19.00 -0.51
CA HIS A 170 1.13 18.24 -0.63
C HIS A 170 1.24 17.21 -1.72
N ALA A 171 0.48 16.13 -1.60
CA ALA A 171 0.32 15.15 -2.68
C ALA A 171 -1.06 15.34 -3.28
N PRO A 172 -1.22 15.03 -4.57
CA PRO A 172 -2.57 15.09 -5.14
C PRO A 172 -3.54 14.12 -4.44
N TYR A 173 -2.99 13.03 -3.94
CA TYR A 173 -3.78 12.10 -3.09
CA TYR A 173 -3.78 12.07 -3.13
C TYR A 173 -2.81 11.18 -2.38
N MET A 174 -3.31 10.54 -1.37
CA MET A 174 -2.58 9.54 -0.59
C MET A 174 -3.39 8.26 -0.66
N ARG A 175 -2.74 7.14 -0.92
CA ARG A 175 -3.41 5.83 -1.09
C ARG A 175 -3.56 5.20 0.29
N PRO A 176 -4.80 4.85 0.69
CA PRO A 176 -5.02 4.12 1.93
C PRO A 176 -4.64 2.65 1.79
N VAL A 177 -4.76 1.91 2.89
CA VAL A 177 -4.66 0.44 2.86
C VAL A 177 -6.07 -0.17 2.71
N TYR A 178 -6.05 -1.41 2.25
CA TYR A 178 -7.24 -2.25 2.19
C TYR A 178 -7.38 -3.03 3.47
N PRO A 179 -8.60 -3.16 4.02
CA PRO A 179 -9.80 -2.52 3.54
C PRO A 179 -9.84 -1.04 3.92
N THR A 180 -10.48 -0.21 3.08
CA THR A 180 -10.49 1.25 3.23
C THR A 180 -11.53 1.65 4.26
N LYS A 181 -11.30 1.13 5.46
CA LYS A 181 -12.06 1.35 6.70
C LYS A 181 -11.26 2.16 7.71
N THR A 182 -11.92 2.72 8.71
CA THR A 182 -11.33 3.71 9.62
C THR A 182 -10.20 3.13 10.49
N PHE A 183 -10.49 2.13 11.30
CA PHE A 183 -9.47 1.65 12.25
C PHE A 183 -8.28 1.01 11.54
N PRO A 184 -8.47 0.17 10.50
CA PRO A 184 -7.34 -0.33 9.78
C PRO A 184 -6.44 0.79 9.26
N ASN A 185 -7.01 1.85 8.70
CA ASN A 185 -6.18 2.94 8.16
C ASN A 185 -5.57 3.81 9.24
N LEU A 186 -6.29 4.21 10.27
CA LEU A 186 -5.68 5.01 11.32
C LEU A 186 -4.53 4.22 11.95
N TYR A 187 -4.71 2.94 12.21
CA TYR A 187 -3.67 2.14 12.87
C TYR A 187 -2.47 1.91 11.94
N THR A 188 -2.70 1.81 10.64
CA THR A 188 -1.61 1.82 9.66
C THR A 188 -0.85 3.17 9.73
N LEU A 189 -1.55 4.31 9.79
CA LEU A 189 -0.85 5.60 9.92
C LEU A 189 0.04 5.55 11.16
N ALA A 190 -0.45 4.94 12.23
CA ALA A 190 0.26 4.94 13.52
C ALA A 190 1.48 4.00 13.50
N THR A 191 1.50 2.95 12.68
CA THR A 191 2.47 1.83 12.81
C THR A 191 3.37 1.65 11.59
N GLY A 192 2.94 2.11 10.41
CA GLY A 192 3.62 1.83 9.16
C GLY A 192 3.37 0.39 8.70
N LEU A 193 2.44 -0.36 9.29
CA LEU A 193 2.21 -1.77 8.96
C LEU A 193 0.96 -1.93 8.13
N TYR A 194 1.00 -2.92 7.25
CA TYR A 194 -0.25 -3.44 6.64
C TYR A 194 -1.17 -3.96 7.73
N PRO A 195 -2.48 -3.84 7.53
CA PRO A 195 -3.44 -4.50 8.44
C PRO A 195 -3.17 -5.98 8.75
N GLU A 196 -2.73 -6.77 7.79
CA GLU A 196 -2.47 -8.19 8.05
C GLU A 196 -1.40 -8.31 9.12
N SER A 197 -0.49 -7.35 9.27
CA SER A 197 0.63 -7.38 10.23
C SER A 197 0.23 -6.70 11.54
N HIS A 198 -0.44 -5.55 11.54
CA HIS A 198 -0.83 -4.91 12.82
C HIS A 198 -2.07 -5.57 13.41
N GLY A 199 -2.85 -6.30 12.64
CA GLY A 199 -3.94 -7.12 13.23
C GLY A 199 -5.29 -6.47 13.18
N ILE A 200 -5.41 -5.18 12.86
CA ILE A 200 -6.73 -4.58 12.73
C ILE A 200 -7.17 -4.68 11.28
N VAL A 201 -7.72 -5.82 10.93
CA VAL A 201 -7.98 -6.21 9.52
C VAL A 201 -9.37 -5.79 9.06
N GLY A 202 -10.17 -5.21 9.93
CA GLY A 202 -11.48 -4.67 9.60
C GLY A 202 -11.97 -3.85 10.77
N ASN A 203 -13.12 -3.25 10.57
CA ASN A 203 -13.75 -2.56 11.71
C ASN A 203 -14.54 -3.59 12.51
N SER A 204 -14.77 -4.80 11.97
CA SER A 204 -15.33 -5.94 12.72
C SER A 204 -14.42 -7.17 12.48
N MET A 205 -14.15 -8.01 13.52
CA MET A 205 -13.22 -9.14 13.36
CA MET A 205 -13.21 -9.14 13.37
C MET A 205 -13.56 -10.26 14.35
N TYR A 206 -13.29 -11.48 13.94
CA TYR A 206 -13.31 -12.64 14.86
C TYR A 206 -11.92 -13.24 14.88
N ASP A 207 -11.36 -13.43 16.04
CA ASP A 207 -10.05 -14.09 16.19
C ASP A 207 -10.34 -15.50 16.71
N PRO A 208 -10.13 -16.53 15.89
CA PRO A 208 -10.43 -17.90 16.33
C PRO A 208 -9.53 -18.40 17.45
N VAL A 209 -8.33 -17.88 17.63
CA VAL A 209 -7.43 -18.37 18.70
C VAL A 209 -7.89 -17.82 20.04
N PHE A 210 -8.24 -16.55 20.10
CA PHE A 210 -8.82 -15.85 21.26
CA PHE A 210 -8.77 -16.01 21.36
C PHE A 210 -10.27 -16.30 21.50
N ASP A 211 -10.95 -16.80 20.47
CA ASP A 211 -12.41 -16.94 20.41
C ASP A 211 -13.05 -15.63 20.88
N ALA A 212 -12.74 -14.53 20.20
CA ALA A 212 -13.18 -13.19 20.65
C ALA A 212 -13.49 -12.35 19.42
N SER A 213 -14.46 -11.46 19.54
CA SER A 213 -14.97 -10.61 18.45
C SER A 213 -14.67 -9.14 18.76
N PHE A 214 -14.17 -8.43 17.78
CA PHE A 214 -13.86 -6.98 17.84
C PHE A 214 -14.96 -6.25 17.11
N HIS A 215 -15.56 -5.27 17.77
CA HIS A 215 -16.60 -4.40 17.13
C HIS A 215 -16.33 -2.93 17.46
N LEU A 216 -16.80 -2.02 16.60
CA LEU A 216 -16.77 -0.55 16.81
C LEU A 216 -17.49 -0.23 18.13
N ARG A 217 -18.68 -0.77 18.34
CA ARG A 217 -19.40 -0.66 19.64
C ARG A 217 -18.81 -1.67 20.65
N GLY A 218 -18.47 -1.22 21.86
CA GLY A 218 -18.27 -2.10 23.02
C GLY A 218 -16.82 -2.16 23.47
N ARG A 219 -16.54 -3.03 24.45
CA ARG A 219 -15.29 -2.99 25.28
C ARG A 219 -14.19 -3.90 24.70
N GLU A 220 -14.52 -4.96 23.93
CA GLU A 220 -13.49 -5.95 23.47
C GLU A 220 -12.35 -5.20 22.74
N LYS A 221 -12.71 -4.22 21.89
CA LYS A 221 -11.76 -3.43 21.08
C LYS A 221 -10.73 -2.71 21.94
N PHE A 222 -10.94 -2.49 23.22
CA PHE A 222 -9.96 -1.78 24.09
C PHE A 222 -8.86 -2.75 24.55
N ASN A 223 -9.08 -4.06 24.44
CA ASN A 223 -8.09 -5.08 24.89
C ASN A 223 -6.84 -4.94 24.01
N HIS A 224 -5.65 -4.80 24.59
CA HIS A 224 -4.41 -4.55 23.82
C HIS A 224 -4.10 -5.75 22.93
N ARG A 225 -4.61 -6.95 23.22
CA ARG A 225 -4.23 -8.14 22.40
C ARG A 225 -4.60 -7.93 20.92
N TRP A 226 -5.52 -7.03 20.58
CA TRP A 226 -5.89 -6.82 19.14
C TRP A 226 -4.82 -6.05 18.40
N TRP A 227 -4.13 -5.17 19.10
CA TRP A 227 -3.33 -4.11 18.46
C TRP A 227 -1.88 -4.52 18.41
N GLY A 228 -1.37 -4.92 17.25
CA GLY A 228 0.04 -5.31 17.08
C GLY A 228 0.95 -4.18 16.64
N GLY A 229 2.18 -4.51 16.34
CA GLY A 229 3.17 -3.49 15.98
C GLY A 229 3.53 -2.58 17.12
N GLN A 230 4.01 -1.42 16.77
CA GLN A 230 4.42 -0.40 17.75
C GLN A 230 3.95 0.94 17.20
N PRO A 231 2.86 1.50 17.74
CA PRO A 231 2.37 2.77 17.20
C PRO A 231 3.27 3.94 17.62
N LEU A 232 3.16 5.04 16.90
CA LEU A 232 4.07 6.19 17.03
C LEU A 232 4.12 6.69 18.47
N TRP A 233 3.01 6.74 19.19
CA TRP A 233 3.11 7.29 20.58
C TRP A 233 3.97 6.36 21.44
N ILE A 234 3.99 5.08 21.20
CA ILE A 234 4.84 4.12 21.96
C ILE A 234 6.29 4.27 21.52
N THR A 235 6.53 4.37 20.21
CA THR A 235 7.88 4.55 19.67
C THR A 235 8.49 5.82 20.28
N ALA A 236 7.70 6.90 20.37
CA ALA A 236 8.19 8.19 20.93
C ALA A 236 8.54 7.96 22.40
N THR A 237 7.59 7.44 23.16
CA THR A 237 7.75 7.32 24.63
C THR A 237 8.96 6.45 24.94
N LYS A 238 9.16 5.35 24.25
CA LYS A 238 10.31 4.44 24.49
C LYS A 238 11.64 5.11 24.21
N GLN A 239 11.71 6.14 23.36
CA GLN A 239 12.92 6.88 22.97
C GLN A 239 13.00 8.26 23.65
N GLY A 240 12.20 8.47 24.67
CA GLY A 240 12.33 9.66 25.53
C GLY A 240 11.64 10.87 24.94
N VAL A 241 10.71 10.67 23.99
CA VAL A 241 9.90 11.76 23.39
C VAL A 241 8.48 11.63 23.92
N ARG A 242 7.97 12.65 24.61
CA ARG A 242 6.64 12.55 25.25
C ARG A 242 5.54 12.73 24.20
N ALA A 243 4.43 12.02 24.35
CA ALA A 243 3.29 12.05 23.39
C ALA A 243 2.00 12.50 24.05
N GLY A 244 1.18 13.29 23.38
CA GLY A 244 -0.24 13.48 23.75
C GLY A 244 -0.98 12.22 23.39
N THR A 245 -2.08 11.89 24.07
CA THR A 245 -2.88 10.69 23.76
C THR A 245 -3.66 10.99 22.46
N PHE A 246 -3.68 10.05 21.52
CA PHE A 246 -4.19 10.35 20.14
C PHE A 246 -5.70 10.15 19.97
N PHE A 247 -6.32 9.43 20.90
CA PHE A 247 -7.78 9.08 20.82
C PHE A 247 -8.59 10.04 21.68
N TRP A 248 -9.71 10.50 21.14
CA TRP A 248 -10.62 11.46 21.82
C TRP A 248 -12.01 10.85 21.90
N SER A 249 -12.59 10.84 23.09
CA SER A 249 -14.01 10.42 23.22
C SER A 249 -14.91 11.32 22.37
N VAL A 250 -15.94 10.74 21.79
CA VAL A 250 -16.73 11.39 20.70
C VAL A 250 -17.45 12.64 21.23
N SER A 251 -17.82 12.67 22.51
CA SER A 251 -18.63 13.79 23.03
C SER A 251 -17.73 14.98 23.34
N ILE A 252 -16.39 14.87 23.26
CA ILE A 252 -15.54 16.04 23.53
C ILE A 252 -15.59 16.92 22.30
N PRO A 253 -16.08 18.17 22.34
CA PRO A 253 -16.23 18.94 21.14
C PRO A 253 -14.85 19.26 20.54
N HIS A 254 -14.85 19.44 19.23
CA HIS A 254 -13.58 19.74 18.52
C HIS A 254 -12.89 20.97 19.12
N GLU A 255 -13.64 22.00 19.50
CA GLU A 255 -13.02 23.22 20.04
C GLU A 255 -12.22 22.87 21.30
N ARG A 256 -12.74 21.98 22.13
CA ARG A 256 -12.11 21.55 23.39
C ARG A 256 -10.89 20.71 23.04
N ARG A 257 -10.94 19.88 22.01
CA ARG A 257 -9.76 19.08 21.59
C ARG A 257 -8.64 20.06 21.24
N ILE A 258 -8.90 21.07 20.42
CA ILE A 258 -7.89 22.07 20.04
C ILE A 258 -7.38 22.77 21.28
N LEU A 259 -8.27 23.21 22.15
CA LEU A 259 -7.80 24.00 23.34
C LEU A 259 -6.95 23.10 24.24
N THR A 260 -7.21 21.82 24.27
CA THR A 260 -6.48 20.86 25.08
C THR A 260 -5.06 20.71 24.50
N ILE A 261 -4.94 20.57 23.19
CA ILE A 261 -3.61 20.53 22.56
C ILE A 261 -2.80 21.79 22.84
N LEU A 262 -3.40 22.95 22.70
CA LEU A 262 -2.73 24.25 22.92
C LEU A 262 -2.34 24.32 24.40
N GLN A 263 -3.19 23.89 25.32
CA GLN A 263 -2.81 23.91 26.76
C GLN A 263 -1.62 22.97 27.02
N TRP A 264 -1.63 21.77 26.43
CA TRP A 264 -0.48 20.88 26.58
C TRP A 264 0.78 21.55 26.06
N LEU A 265 0.70 22.32 24.99
CA LEU A 265 1.89 22.97 24.41
C LEU A 265 2.41 24.10 25.31
N SER A 266 1.67 24.48 26.34
CA SER A 266 2.09 25.52 27.33
C SER A 266 2.65 24.85 28.58
N LEU A 267 2.72 23.52 28.63
CA LEU A 267 3.33 22.84 29.80
C LEU A 267 4.82 23.18 29.88
N PRO A 268 5.41 23.03 31.09
CA PRO A 268 6.86 23.12 31.25
C PRO A 268 7.58 22.15 30.30
N ASP A 269 8.80 22.50 29.94
CA ASP A 269 9.62 21.76 28.95
C ASP A 269 9.71 20.28 29.27
N ASN A 270 9.93 19.91 30.54
CA ASN A 270 10.13 18.51 30.93
C ASN A 270 8.82 17.71 30.93
N GLU A 271 7.66 18.38 30.83
CA GLU A 271 6.30 17.77 30.95
C GLU A 271 5.64 17.80 29.56
N ARG A 272 6.10 18.63 28.67
CA ARG A 272 5.36 18.97 27.45
C ARG A 272 5.57 17.89 26.38
N PRO A 273 4.49 17.34 25.79
CA PRO A 273 4.72 16.46 24.66
C PRO A 273 5.31 17.14 23.43
N SER A 274 5.95 16.27 22.63
CA SER A 274 6.45 16.68 21.32
C SER A 274 5.54 16.20 20.16
N VAL A 275 4.65 15.26 20.38
CA VAL A 275 3.78 14.80 19.28
C VAL A 275 2.36 14.74 19.81
N TYR A 276 1.44 15.13 18.95
CA TYR A 276 0.01 15.28 19.26
C TYR A 276 -0.78 14.81 18.07
N ALA A 277 -2.02 14.40 18.32
CA ALA A 277 -3.02 14.18 17.27
C ALA A 277 -4.36 14.77 17.67
N PHE A 278 -4.94 15.43 16.68
CA PHE A 278 -6.37 15.82 16.65
C PHE A 278 -7.10 14.84 15.75
N TYR A 279 -8.35 14.54 16.05
CA TYR A 279 -9.20 13.67 15.21
C TYR A 279 -10.54 14.36 15.01
N SER A 280 -11.03 14.31 13.77
CA SER A 280 -12.42 14.68 13.41
C SER A 280 -13.14 13.49 12.80
N GLU A 281 -14.34 13.22 13.31
CA GLU A 281 -15.29 12.22 12.75
C GLU A 281 -15.87 12.70 11.41
N GLN A 282 -15.75 13.96 11.09
CA GLN A 282 -16.22 14.58 9.84
C GLN A 282 -15.05 14.69 8.90
N PRO A 283 -15.27 14.67 7.58
CA PRO A 283 -16.61 14.61 6.97
C PRO A 283 -17.27 13.23 6.81
N ASP A 284 -16.64 12.15 7.31
CA ASP A 284 -17.15 10.77 7.17
C ASP A 284 -18.60 10.67 7.68
N PHE A 285 -18.89 11.26 8.84
CA PHE A 285 -20.22 11.06 9.46
C PHE A 285 -21.31 11.55 8.49
N SER A 286 -21.15 12.74 7.96
CA SER A 286 -22.13 13.32 7.03
C SER A 286 -22.06 12.59 5.69
N GLY A 287 -20.86 12.18 5.25
CA GLY A 287 -20.74 11.52 3.94
C GLY A 287 -21.50 10.21 3.89
N HIS A 288 -21.55 9.47 4.99
CA HIS A 288 -22.39 8.25 4.99
C HIS A 288 -23.87 8.62 4.76
N LYS A 289 -24.31 9.71 5.34
CA LYS A 289 -25.75 10.08 5.26
C LYS A 289 -26.09 10.65 3.91
N TYR A 290 -25.18 11.45 3.32
CA TYR A 290 -25.51 12.35 2.19
C TYR A 290 -24.75 12.03 0.93
N GLY A 291 -23.85 11.03 0.91
CA GLY A 291 -23.01 10.85 -0.28
C GLY A 291 -21.82 11.78 -0.24
N PRO A 292 -20.77 11.44 -0.97
CA PRO A 292 -19.54 12.22 -0.95
C PRO A 292 -19.71 13.68 -1.34
N PHE A 293 -20.64 13.96 -2.28
CA PHE A 293 -20.84 15.33 -2.81
C PHE A 293 -22.27 15.82 -2.58
N GLY A 294 -22.97 15.25 -1.63
CA GLY A 294 -24.30 15.75 -1.28
C GLY A 294 -24.21 17.23 -0.92
N PRO A 295 -25.22 18.05 -1.23
CA PRO A 295 -25.16 19.46 -0.88
C PRO A 295 -25.00 19.69 0.62
N GLU A 296 -25.36 18.72 1.44
CA GLU A 296 -25.16 18.83 2.91
C GLU A 296 -23.68 18.73 3.28
N MET A 297 -22.80 18.39 2.36
CA MET A 297 -21.36 18.20 2.66
C MET A 297 -20.61 19.52 2.73
N THR A 298 -21.13 20.63 2.23
CA THR A 298 -20.37 21.88 2.27
C THR A 298 -20.19 22.29 3.73
N ASN A 299 -21.20 22.20 4.57
CA ASN A 299 -21.11 22.70 5.95
C ASN A 299 -20.06 21.92 6.76
N PRO A 300 -20.02 20.59 6.74
CA PRO A 300 -18.94 19.86 7.41
C PRO A 300 -17.55 20.30 6.93
N LEU A 301 -17.33 20.54 5.64
CA LEU A 301 -16.03 20.99 5.17
C LEU A 301 -15.73 22.37 5.75
N ARG A 302 -16.70 23.28 5.78
CA ARG A 302 -16.47 24.62 6.34
C ARG A 302 -16.12 24.45 7.83
N GLU A 303 -16.74 23.51 8.52
CA GLU A 303 -16.55 23.42 9.99
C GLU A 303 -15.15 22.87 10.25
N ILE A 304 -14.71 21.89 9.47
CA ILE A 304 -13.33 21.37 9.63
C ILE A 304 -12.34 22.50 9.38
N ASP A 305 -12.54 23.28 8.34
CA ASP A 305 -11.66 24.42 8.01
C ASP A 305 -11.58 25.39 9.18
N LYS A 306 -12.71 25.65 9.80
CA LYS A 306 -12.73 26.61 10.93
C LYS A 306 -11.90 26.04 12.07
N THR A 307 -11.95 24.73 12.29
CA THR A 307 -11.17 24.05 13.35
C THR A 307 -9.68 24.18 13.01
N VAL A 308 -9.28 23.96 11.77
CA VAL A 308 -7.87 24.20 11.36
C VAL A 308 -7.48 25.64 11.69
N GLY A 309 -8.32 26.59 11.37
CA GLY A 309 -8.04 28.01 11.68
C GLY A 309 -7.87 28.26 13.17
N GLN A 310 -8.68 27.64 14.00
CA GLN A 310 -8.52 27.77 15.48
C GLN A 310 -7.14 27.26 15.89
N LEU A 311 -6.75 26.09 15.38
CA LEU A 311 -5.40 25.54 15.67
C LEU A 311 -4.34 26.53 15.22
N MET A 312 -4.38 27.02 13.99
CA MET A 312 -3.27 27.84 13.49
C MET A 312 -3.26 29.20 14.20
N ASP A 313 -4.42 29.77 14.49
CA ASP A 313 -4.43 31.04 15.26
C ASP A 313 -3.90 30.74 16.66
N GLY A 314 -4.29 29.64 17.28
CA GLY A 314 -3.77 29.28 18.58
C GLY A 314 -2.26 29.14 18.57
N LEU A 315 -1.70 28.45 17.58
CA LEU A 315 -0.23 28.33 17.47
C LEU A 315 0.38 29.72 17.27
N LYS A 316 -0.20 30.58 16.45
CA LYS A 316 0.37 31.93 16.23
C LYS A 316 0.44 32.68 17.57
N GLN A 317 -0.62 32.62 18.39
CA GLN A 317 -0.64 33.24 19.75
C GLN A 317 0.52 32.75 20.60
N LEU A 318 0.86 31.46 20.53
CA LEU A 318 1.91 30.83 21.34
C LEU A 318 3.26 31.01 20.65
N ARG A 319 3.34 31.72 19.52
CA ARG A 319 4.58 31.90 18.75
C ARG A 319 5.12 30.54 18.34
N LEU A 320 4.21 29.65 17.92
CA LEU A 320 4.57 28.30 17.47
C LEU A 320 4.23 28.06 16.00
N HIS A 321 3.63 29.00 15.32
CA HIS A 321 3.17 28.80 13.94
C HIS A 321 4.31 28.63 12.94
N ARG A 322 5.56 28.96 13.29
CA ARG A 322 6.75 28.75 12.42
C ARG A 322 7.72 27.79 13.15
N CYS A 323 7.20 26.98 14.08
CA CYS A 323 7.93 26.02 14.91
C CYS A 323 7.38 24.61 14.65
N VAL A 324 6.07 24.45 14.69
CA VAL A 324 5.44 23.12 14.66
C VAL A 324 5.35 22.62 13.21
N ASN A 325 5.55 21.33 13.05
CA ASN A 325 5.17 20.62 11.81
C ASN A 325 3.72 20.14 11.99
N VAL A 326 2.89 20.49 11.03
CA VAL A 326 1.47 20.08 10.98
C VAL A 326 1.30 19.11 9.82
N ILE A 327 0.69 18.00 10.10
CA ILE A 327 0.27 17.06 9.05
C ILE A 327 -1.25 17.09 8.99
N PHE A 328 -1.80 17.31 7.83
CA PHE A 328 -3.23 17.21 7.59
C PHE A 328 -3.45 15.94 6.76
N VAL A 329 -4.12 14.94 7.34
CA VAL A 329 -4.11 13.59 6.75
C VAL A 329 -5.47 12.98 6.96
N GLY A 330 -5.92 12.22 5.96
CA GLY A 330 -7.16 11.45 6.08
C GLY A 330 -6.91 9.96 6.17
N ASP A 331 -7.94 9.24 6.54
CA ASP A 331 -7.86 7.75 6.64
C ASP A 331 -8.33 7.08 5.33
N HIS A 332 -9.32 7.61 4.62
CA HIS A 332 -9.91 6.99 3.41
C HIS A 332 -10.89 8.00 2.81
N GLY A 333 -11.36 7.72 1.62
CA GLY A 333 -12.37 8.57 0.96
C GLY A 333 -13.79 8.08 1.23
N MET A 334 -14.63 8.29 0.23
CA MET A 334 -16.08 8.06 0.38
C MET A 334 -16.68 7.95 -1.01
N GLU A 335 -17.49 6.91 -1.20
CA GLU A 335 -18.14 6.56 -2.50
C GLU A 335 -19.67 6.70 -2.35
N ASP A 336 -20.33 6.91 -3.46
CA ASP A 336 -21.83 6.81 -3.51
C ASP A 336 -22.25 5.35 -3.40
N VAL A 337 -23.03 5.00 -2.37
CA VAL A 337 -23.49 3.62 -2.15
C VAL A 337 -24.91 3.77 -1.60
N THR A 338 -25.89 3.08 -2.19
CA THR A 338 -27.29 3.15 -1.71
C THR A 338 -27.78 1.73 -1.43
N CYS A 339 -28.83 1.60 -0.60
CA CYS A 339 -29.39 0.31 -0.11
C CYS A 339 -29.87 -0.52 -1.31
N ASP A 340 -30.27 0.08 -2.43
CA ASP A 340 -30.71 -0.67 -3.64
C ASP A 340 -29.54 -1.37 -4.32
N ARG A 341 -28.31 -0.88 -4.16
CA ARG A 341 -27.13 -1.53 -4.81
C ARG A 341 -26.54 -2.52 -3.83
N THR A 342 -27.28 -3.55 -3.50
CA THR A 342 -26.87 -4.62 -2.59
C THR A 342 -27.06 -5.94 -3.32
N GLU A 343 -26.01 -6.75 -3.39
CA GLU A 343 -26.04 -8.15 -3.86
C GLU A 343 -26.33 -9.01 -2.64
N PHE A 344 -27.19 -10.03 -2.80
CA PHE A 344 -27.52 -10.91 -1.67
C PHE A 344 -27.00 -12.31 -1.92
N LEU A 345 -26.30 -12.86 -0.95
CA LEU A 345 -25.76 -14.23 -1.10
C LEU A 345 -26.92 -15.26 -1.15
N SER A 346 -28.05 -14.92 -0.57
CA SER A 346 -29.24 -15.82 -0.62
C SER A 346 -29.69 -16.01 -2.08
N ASN A 347 -29.31 -15.16 -3.02
CA ASN A 347 -29.58 -15.35 -4.47
C ASN A 347 -28.55 -16.24 -5.18
N TYR A 348 -27.54 -16.72 -4.48
CA TYR A 348 -26.48 -17.58 -5.03
C TYR A 348 -26.36 -18.94 -4.33
N LEU A 349 -26.39 -18.98 -2.99
CA LEU A 349 -26.07 -20.15 -2.18
C LEU A 349 -27.36 -20.92 -1.86
N THR A 350 -27.27 -22.25 -1.82
CA THR A 350 -28.38 -23.11 -1.33
C THR A 350 -28.37 -22.94 0.20
N ASN A 351 -27.17 -23.01 0.77
CA ASN A 351 -26.80 -23.20 2.19
C ASN A 351 -26.60 -21.87 2.95
N VAL A 352 -27.38 -20.82 2.72
CA VAL A 352 -26.99 -19.47 3.27
C VAL A 352 -27.04 -19.43 4.81
N ASP A 353 -27.80 -20.32 5.45
CA ASP A 353 -27.84 -20.35 6.94
C ASP A 353 -26.63 -21.07 7.52
N ASP A 354 -25.74 -21.65 6.71
CA ASP A 354 -24.57 -22.38 7.24
C ASP A 354 -23.33 -21.47 7.22
N ILE A 355 -23.48 -20.22 6.78
CA ILE A 355 -22.30 -19.30 6.73
C ILE A 355 -22.51 -18.10 7.62
N THR A 356 -21.38 -17.54 8.05
CA THR A 356 -21.29 -16.23 8.66
C THR A 356 -20.66 -15.32 7.61
N LEU A 357 -21.29 -14.18 7.37
CA LEU A 357 -20.76 -13.15 6.44
C LEU A 357 -20.44 -11.90 7.22
N VAL A 358 -19.21 -11.39 7.07
CA VAL A 358 -18.92 -9.99 7.41
C VAL A 358 -19.28 -9.20 6.16
N PRO A 359 -20.32 -8.35 6.20
CA PRO A 359 -20.86 -7.77 4.99
C PRO A 359 -20.41 -6.34 4.69
N GLY A 360 -20.93 -5.80 3.61
CA GLY A 360 -20.86 -4.38 3.22
C GLY A 360 -20.00 -4.21 2.00
N THR A 361 -18.98 -3.37 2.10
CA THR A 361 -18.13 -2.99 0.96
C THR A 361 -17.01 -3.99 0.76
N LEU A 362 -16.95 -5.01 1.57
CA LEU A 362 -16.14 -6.22 1.35
C LEU A 362 -16.96 -7.34 1.94
N GLY A 363 -16.66 -8.55 1.57
CA GLY A 363 -17.23 -9.73 2.24
C GLY A 363 -16.18 -10.62 2.80
N ARG A 364 -16.44 -11.20 3.95
CA ARG A 364 -15.59 -12.26 4.53
C ARG A 364 -16.52 -13.37 5.01
N ILE A 365 -16.25 -14.57 4.55
CA ILE A 365 -17.16 -15.74 4.79
C ILE A 365 -16.40 -16.78 5.59
N ARG A 366 -17.09 -17.31 6.60
CA ARG A 366 -16.61 -18.53 7.28
C ARG A 366 -17.81 -19.37 7.67
N ALA A 367 -17.52 -20.59 8.17
CA ALA A 367 -18.62 -21.48 8.62
C ALA A 367 -19.32 -20.87 9.83
N LYS A 368 -20.64 -20.98 9.89
CA LYS A 368 -21.40 -20.54 11.08
C LYS A 368 -21.04 -21.43 12.27
N SER A 369 -20.87 -22.73 12.02
CA SER A 369 -20.47 -23.71 13.07
C SER A 369 -19.20 -24.47 12.66
N ILE A 370 -18.18 -24.56 13.51
CA ILE A 370 -17.02 -25.46 13.17
C ILE A 370 -17.38 -26.93 13.43
N ASN A 371 -18.58 -27.21 13.94
CA ASN A 371 -19.08 -28.61 14.13
C ASN A 371 -19.75 -29.10 12.82
N ASN A 372 -20.00 -28.20 11.87
CA ASN A 372 -20.70 -28.58 10.61
C ASN A 372 -19.69 -29.21 9.64
N SER A 373 -19.67 -30.55 9.52
CA SER A 373 -18.69 -31.25 8.64
C SER A 373 -19.11 -31.17 7.15
N LYS A 374 -20.34 -30.74 6.85
CA LYS A 374 -20.84 -30.60 5.44
C LYS A 374 -20.35 -29.28 4.83
N TYR A 375 -19.93 -28.29 5.64
CA TYR A 375 -19.36 -27.02 5.13
C TYR A 375 -18.18 -27.31 4.18
N ASP A 376 -18.19 -26.70 2.99
CA ASP A 376 -17.15 -26.88 1.94
C ASP A 376 -16.89 -25.54 1.26
N PRO A 377 -15.72 -24.93 1.53
CA PRO A 377 -15.33 -23.67 0.87
C PRO A 377 -15.33 -23.73 -0.67
N LYS A 378 -14.99 -24.91 -1.21
CA LYS A 378 -14.88 -25.04 -2.67
C LYS A 378 -16.26 -24.88 -3.29
N THR A 379 -17.29 -25.45 -2.67
CA THR A 379 -18.66 -25.38 -3.24
C THR A 379 -19.18 -23.95 -3.05
N ILE A 380 -18.81 -23.27 -1.98
CA ILE A 380 -19.25 -21.86 -1.78
C ILE A 380 -18.61 -20.98 -2.88
N ILE A 381 -17.29 -21.12 -3.11
CA ILE A 381 -16.60 -20.29 -4.12
C ILE A 381 -17.27 -20.54 -5.46
N ALA A 382 -17.50 -21.81 -5.79
CA ALA A 382 -18.02 -22.14 -7.13
C ALA A 382 -19.41 -21.52 -7.32
N ALA A 383 -20.25 -21.53 -6.28
CA ALA A 383 -21.61 -20.97 -6.33
C ALA A 383 -21.63 -19.45 -6.45
N LEU A 384 -20.50 -18.82 -6.16
CA LEU A 384 -20.36 -17.34 -6.18
C LEU A 384 -19.58 -16.87 -7.39
N THR A 385 -19.13 -17.77 -8.29
CA THR A 385 -18.23 -17.39 -9.38
C THR A 385 -18.98 -17.21 -10.69
N CYS A 386 -19.00 -15.98 -11.20
CA CYS A 386 -19.50 -15.59 -12.54
C CYS A 386 -20.89 -16.22 -12.80
N LYS A 387 -21.82 -16.00 -11.89
CA LYS A 387 -23.16 -16.64 -11.92
C LYS A 387 -24.21 -15.72 -12.49
N LYS A 388 -24.00 -14.42 -12.46
CA LYS A 388 -24.94 -13.38 -12.94
C LYS A 388 -24.16 -12.47 -13.84
N PRO A 389 -24.73 -12.02 -14.98
CA PRO A 389 -23.94 -11.36 -16.01
C PRO A 389 -23.25 -10.09 -15.51
N ASP A 390 -23.91 -9.27 -14.69
CA ASP A 390 -23.21 -8.03 -14.22
C ASP A 390 -22.86 -8.14 -12.74
N GLN A 391 -22.61 -9.34 -12.23
CA GLN A 391 -22.53 -9.46 -10.75
CA GLN A 391 -22.35 -9.61 -10.80
C GLN A 391 -21.45 -8.50 -10.21
N HIS A 392 -21.79 -7.97 -9.04
CA HIS A 392 -21.07 -6.77 -8.51
C HIS A 392 -20.06 -7.12 -7.42
N PHE A 393 -19.70 -8.38 -7.32
CA PHE A 393 -18.62 -8.82 -6.43
C PHE A 393 -17.92 -9.98 -7.09
N LYS A 394 -16.71 -10.28 -6.63
CA LYS A 394 -15.91 -11.44 -7.10
C LYS A 394 -15.38 -12.19 -5.92
N PRO A 395 -15.61 -13.51 -5.82
CA PRO A 395 -15.05 -14.29 -4.75
C PRO A 395 -13.59 -14.66 -4.99
N TYR A 396 -12.86 -14.73 -3.88
CA TYR A 396 -11.45 -15.17 -3.87
C TYR A 396 -11.19 -16.03 -2.66
N MET A 397 -10.33 -17.04 -2.79
CA MET A 397 -9.63 -17.53 -1.61
C MET A 397 -8.59 -16.43 -1.29
N LYS A 398 -8.35 -16.09 -0.03
CA LYS A 398 -7.51 -14.90 0.29
C LYS A 398 -6.13 -14.98 -0.34
N GLN A 399 -5.55 -16.15 -0.51
CA GLN A 399 -4.19 -16.22 -1.11
C GLN A 399 -4.23 -15.79 -2.56
N HIS A 400 -5.39 -15.79 -3.18
CA HIS A 400 -5.52 -15.44 -4.60
C HIS A 400 -5.85 -13.97 -4.80
N LEU A 401 -6.10 -13.20 -3.74
CA LEU A 401 -6.27 -11.75 -3.85
C LEU A 401 -5.02 -11.14 -4.47
N PRO A 402 -5.20 -10.05 -5.22
CA PRO A 402 -4.04 -9.27 -5.70
C PRO A 402 -3.04 -9.02 -4.58
N LYS A 403 -1.78 -9.31 -4.89
CA LYS A 403 -0.70 -9.26 -3.88
C LYS A 403 -0.55 -7.82 -3.37
N ARG A 404 -0.87 -6.83 -4.20
CA ARG A 404 -0.76 -5.43 -3.76
C ARG A 404 -1.65 -5.10 -2.57
N LEU A 405 -2.71 -5.88 -2.31
CA LEU A 405 -3.58 -5.62 -1.16
C LEU A 405 -2.93 -6.09 0.14
N HIS A 406 -1.98 -6.99 0.08
CA HIS A 406 -1.28 -7.54 1.27
C HIS A 406 -2.31 -7.89 2.32
N TYR A 407 -3.31 -8.67 1.91
CA TYR A 407 -4.49 -8.97 2.73
C TYR A 407 -4.72 -10.47 2.84
N ALA A 408 -3.82 -11.16 3.53
CA ALA A 408 -4.02 -12.63 3.70
C ALA A 408 -3.38 -13.19 4.94
N ASN A 409 -2.21 -12.69 5.37
CA ASN A 409 -1.41 -13.37 6.43
C ASN A 409 -1.83 -12.93 7.82
N ASN A 410 -3.03 -13.31 8.18
CA ASN A 410 -3.58 -13.10 9.53
C ASN A 410 -4.74 -14.08 9.70
N ARG A 411 -4.75 -14.73 10.85
CA ARG A 411 -5.82 -15.68 11.18
C ARG A 411 -7.18 -14.99 11.35
N ARG A 412 -7.20 -13.67 11.47
CA ARG A 412 -8.46 -12.92 11.57
C ARG A 412 -9.06 -12.65 10.18
N ILE A 413 -8.32 -12.96 9.10
CA ILE A 413 -8.84 -12.79 7.73
C ILE A 413 -9.37 -14.15 7.26
N GLU A 414 -10.68 -14.25 7.06
CA GLU A 414 -11.34 -15.47 6.63
C GLU A 414 -10.74 -15.92 5.31
N ASP A 415 -10.73 -17.23 5.08
CA ASP A 415 -10.19 -17.78 3.83
C ASP A 415 -10.97 -17.29 2.61
N ILE A 416 -12.30 -17.12 2.69
CA ILE A 416 -13.17 -16.70 1.59
C ILE A 416 -13.37 -15.20 1.70
N HIS A 417 -12.95 -14.50 0.64
CA HIS A 417 -13.12 -13.05 0.52
C HIS A 417 -13.95 -12.65 -0.69
N LEU A 418 -14.79 -11.63 -0.54
CA LEU A 418 -15.53 -11.05 -1.69
C LEU A 418 -15.00 -9.66 -1.91
N LEU A 419 -14.43 -9.43 -3.07
CA LEU A 419 -14.05 -8.05 -3.49
CA LEU A 419 -14.03 -8.07 -3.50
C LEU A 419 -15.28 -7.45 -4.14
N VAL A 420 -15.82 -6.43 -3.51
CA VAL A 420 -17.08 -5.80 -3.94
C VAL A 420 -16.79 -4.65 -4.89
N ASP A 421 -17.54 -4.56 -5.97
CA ASP A 421 -17.40 -3.43 -6.90
C ASP A 421 -17.70 -2.11 -6.20
N ARG A 422 -16.98 -1.06 -6.57
CA ARG A 422 -17.27 0.29 -6.10
C ARG A 422 -18.77 0.58 -6.34
N ARG A 423 -19.37 1.27 -5.39
CA ARG A 423 -20.78 1.74 -5.40
CA ARG A 423 -20.77 1.76 -5.37
C ARG A 423 -21.74 0.65 -4.92
N TRP A 424 -21.24 -0.53 -4.57
CA TRP A 424 -22.12 -1.66 -4.15
C TRP A 424 -21.81 -2.14 -2.76
N HIS A 425 -22.77 -2.88 -2.23
CA HIS A 425 -22.66 -3.72 -1.02
C HIS A 425 -22.96 -5.17 -1.31
N VAL A 426 -22.46 -6.02 -0.44
CA VAL A 426 -22.90 -7.43 -0.35
C VAL A 426 -23.49 -7.67 1.02
N ALA A 427 -24.56 -8.46 1.04
CA ALA A 427 -25.25 -8.84 2.30
C ALA A 427 -25.65 -10.31 2.19
N ARG A 428 -26.04 -10.91 3.29
CA ARG A 428 -26.37 -12.34 3.33
C ARG A 428 -27.79 -12.57 2.79
N LYS A 429 -28.74 -11.81 3.29
CA LYS A 429 -30.18 -11.93 2.93
C LYS A 429 -30.80 -10.54 2.92
N PRO A 430 -31.85 -10.29 2.12
CA PRO A 430 -32.47 -8.97 2.05
C PRO A 430 -32.90 -8.36 3.39
N LEU A 431 -33.30 -9.20 4.35
CA LEU A 431 -33.82 -8.66 5.62
C LEU A 431 -32.69 -7.99 6.39
N ASP A 432 -31.42 -8.31 6.10
CA ASP A 432 -30.26 -7.66 6.77
C ASP A 432 -30.21 -6.17 6.43
N VAL A 433 -30.68 -5.79 5.26
CA VAL A 433 -30.61 -4.40 4.75
C VAL A 433 -31.77 -3.54 5.28
N TYR A 434 -32.96 -4.06 5.60
CA TYR A 434 -34.07 -3.20 6.08
C TYR A 434 -34.50 -3.49 7.53
N LYS A 435 -34.07 -4.62 8.13
CA LYS A 435 -34.19 -4.86 9.59
C LYS A 435 -32.86 -4.45 10.25
N LYS A 436 -32.37 -3.22 9.94
CA LYS A 436 -31.15 -2.57 10.48
C LYS A 436 -31.01 -1.18 9.88
N CYS A 441 -32.65 2.40 6.75
CA CYS A 441 -31.44 2.43 5.87
C CYS A 441 -31.05 3.90 5.62
N PHE A 442 -31.44 4.49 4.48
CA PHE A 442 -31.32 5.94 4.16
C PHE A 442 -29.86 6.35 3.83
N PHE A 443 -28.84 5.49 4.02
CA PHE A 443 -27.41 5.92 3.78
C PHE A 443 -27.12 6.09 2.30
N GLN A 444 -26.20 7.00 1.96
CA GLN A 444 -25.90 7.39 0.58
C GLN A 444 -24.40 7.27 0.28
N GLY A 445 -23.59 7.05 1.33
CA GLY A 445 -22.13 6.96 1.10
C GLY A 445 -21.58 5.77 1.84
N ASP A 446 -20.48 5.21 1.33
CA ASP A 446 -19.72 4.23 2.13
C ASP A 446 -18.30 4.12 1.56
N HIS A 447 -17.51 3.35 2.25
CA HIS A 447 -16.08 3.16 1.90
C HIS A 447 -15.70 1.75 2.38
N GLY A 448 -14.57 1.27 1.97
CA GLY A 448 -14.03 -0.04 2.30
C GLY A 448 -13.51 -0.80 1.12
N PHE A 449 -13.80 -0.34 -0.10
CA PHE A 449 -13.42 -0.98 -1.38
C PHE A 449 -11.88 -1.02 -1.55
N ASP A 450 -11.45 -1.77 -2.55
CA ASP A 450 -10.09 -1.87 -3.11
C ASP A 450 -9.41 -0.52 -2.99
N ASN A 451 -8.20 -0.50 -2.40
CA ASN A 451 -7.55 0.80 -2.14
C ASN A 451 -6.98 1.45 -3.39
N LYS A 452 -7.12 0.90 -4.57
CA LYS A 452 -6.75 1.66 -5.77
C LYS A 452 -7.94 2.44 -6.34
N VAL A 453 -9.14 2.27 -5.81
CA VAL A 453 -10.34 2.96 -6.35
C VAL A 453 -10.22 4.44 -6.08
N ASN A 454 -10.48 5.26 -7.09
CA ASN A 454 -10.29 6.73 -6.98
C ASN A 454 -11.09 7.33 -5.80
N SER A 455 -12.33 6.91 -5.61
CA SER A 455 -13.18 7.48 -4.55
C SER A 455 -12.62 7.20 -3.15
N MET A 456 -11.77 6.16 -3.02
CA MET A 456 -11.23 5.80 -1.68
C MET A 456 -9.98 6.59 -1.34
N GLN A 457 -9.39 7.30 -2.31
CA GLN A 457 -8.12 8.03 -2.05
C GLN A 457 -8.39 9.14 -1.05
N THR A 458 -7.36 9.47 -0.28
CA THR A 458 -7.47 10.50 0.74
C THR A 458 -6.31 11.50 0.57
N VAL A 459 -6.11 12.29 1.62
CA VAL A 459 -5.29 13.52 1.56
C VAL A 459 -4.04 13.43 2.43
N PHE A 460 -3.07 14.20 1.96
CA PHE A 460 -1.83 14.50 2.72
C PHE A 460 -1.36 15.92 2.43
N VAL A 461 -1.17 16.67 3.51
CA VAL A 461 -0.44 17.95 3.47
C VAL A 461 0.50 17.96 4.65
N GLY A 462 1.73 18.40 4.43
CA GLY A 462 2.72 18.66 5.51
C GLY A 462 3.12 20.12 5.47
N TYR A 463 3.05 20.78 6.61
CA TYR A 463 3.39 22.22 6.66
C TYR A 463 4.28 22.42 7.86
N GLY A 464 5.39 23.11 7.67
CA GLY A 464 6.24 23.45 8.79
C GLY A 464 7.71 23.55 8.39
N PRO A 465 8.59 23.78 9.39
CA PRO A 465 10.00 23.97 9.07
C PRO A 465 10.66 22.76 8.42
N THR A 466 10.22 21.55 8.74
CA THR A 466 10.91 20.34 8.27
C THR A 466 10.34 19.89 6.92
N PHE A 467 9.18 20.35 6.54
CA PHE A 467 8.59 20.05 5.22
C PHE A 467 9.10 21.07 4.19
N LYS A 468 9.03 20.73 2.93
CA LYS A 468 9.39 21.69 1.86
CA LYS A 468 9.39 21.68 1.84
C LYS A 468 8.32 22.77 1.70
N TYR A 469 8.69 23.84 1.02
CA TYR A 469 7.88 25.02 0.75
C TYR A 469 7.25 24.93 -0.63
N ARG A 470 5.94 25.17 -0.72
CA ARG A 470 5.20 25.22 -2.03
C ARG A 470 5.58 24.06 -2.95
N THR A 471 5.53 22.86 -2.40
CA THR A 471 6.06 21.67 -3.10
C THR A 471 4.95 20.65 -3.31
N LYS A 472 4.78 20.19 -4.55
N LYS A 472 4.78 20.17 -4.54
CA LYS A 472 3.91 19.06 -4.90
CA LYS A 472 3.85 19.08 -4.85
C LYS A 472 4.80 17.81 -4.94
C LYS A 472 4.67 17.81 -5.06
N VAL A 473 4.28 16.72 -4.38
CA VAL A 473 4.95 15.40 -4.44
C VAL A 473 3.98 14.45 -5.07
N PRO A 474 4.48 13.39 -5.74
CA PRO A 474 3.57 12.42 -6.30
C PRO A 474 2.77 11.71 -5.23
N PRO A 475 1.63 11.09 -5.63
CA PRO A 475 0.88 10.27 -4.68
C PRO A 475 1.80 9.18 -4.09
N PHE A 476 1.50 8.80 -2.87
CA PHE A 476 2.23 7.78 -2.12
C PHE A 476 1.26 7.07 -1.19
N GLU A 477 1.73 5.97 -0.64
CA GLU A 477 0.91 5.09 0.26
C GLU A 477 1.05 5.47 1.71
N ASN A 478 -0.04 5.39 2.44
CA ASN A 478 -0.06 5.78 3.85
C ASN A 478 0.87 4.92 4.71
N ILE A 479 1.26 3.72 4.28
CA ILE A 479 2.24 2.88 5.04
C ILE A 479 3.56 3.62 5.19
N GLU A 480 3.84 4.62 4.36
CA GLU A 480 5.15 5.29 4.34
C GLU A 480 5.22 6.39 5.40
N LEU A 481 4.10 6.84 5.93
CA LEU A 481 4.13 8.05 6.76
CA LEU A 481 4.08 8.04 6.77
C LEU A 481 4.74 7.80 8.13
N TYR A 482 4.56 6.63 8.73
CA TYR A 482 5.15 6.37 10.07
C TYR A 482 6.64 6.73 10.04
N ASN A 483 7.37 6.23 9.05
CA ASN A 483 8.84 6.52 8.98
C ASN A 483 9.07 8.03 8.97
N VAL A 484 8.29 8.77 8.20
CA VAL A 484 8.50 10.23 8.11
C VAL A 484 8.18 10.87 9.44
N MET A 485 7.10 10.48 10.10
CA MET A 485 6.78 11.05 11.41
C MET A 485 7.91 10.74 12.38
N CYS A 486 8.47 9.56 12.32
CA CYS A 486 9.70 9.23 13.12
C CYS A 486 10.84 10.16 12.74
N ASP A 487 11.09 10.40 11.47
CA ASP A 487 12.14 11.35 11.01
C ASP A 487 11.88 12.74 11.61
N LEU A 488 10.63 13.19 11.58
CA LEU A 488 10.26 14.53 12.08
C LEU A 488 10.53 14.67 13.57
N LEU A 489 10.54 13.60 14.33
CA LEU A 489 10.68 13.56 15.82
C LEU A 489 12.07 13.05 16.26
N GLY A 490 12.94 12.73 15.31
CA GLY A 490 14.26 12.17 15.63
C GLY A 490 14.20 10.77 16.21
N LEU A 491 13.19 9.98 15.84
CA LEU A 491 12.99 8.62 16.34
C LEU A 491 13.46 7.57 15.36
N LYS A 492 13.98 6.46 15.87
CA LYS A 492 14.24 5.28 15.07
C LYS A 492 12.91 4.54 14.91
N PRO A 493 12.40 4.34 13.67
CA PRO A 493 11.13 3.63 13.52
C PRO A 493 11.26 2.16 13.91
N ALA A 494 10.23 1.60 14.53
CA ALA A 494 10.08 0.15 14.67
C ALA A 494 10.01 -0.49 13.28
N PRO A 495 10.34 -1.78 13.14
CA PRO A 495 10.30 -2.47 11.85
C PRO A 495 8.90 -2.35 11.21
N ASN A 496 8.85 -1.90 9.97
CA ASN A 496 7.52 -1.61 9.37
C ASN A 496 7.55 -1.80 7.87
N ASN A 497 6.42 -1.56 7.18
CA ASN A 497 6.31 -1.91 5.74
C ASN A 497 6.55 -0.71 4.83
N GLY A 498 6.83 0.44 5.43
CA GLY A 498 7.34 1.58 4.66
C GLY A 498 8.68 1.21 4.08
N THR A 499 9.15 2.02 3.15
CA THR A 499 10.50 1.92 2.55
C THR A 499 11.21 3.23 2.92
N HIS A 500 12.02 3.15 3.96
CA HIS A 500 12.53 4.39 4.62
C HIS A 500 13.54 5.08 3.71
N GLY A 501 13.19 6.29 3.36
CA GLY A 501 13.88 7.08 2.34
C GLY A 501 13.05 7.39 1.15
N SER A 502 12.01 6.59 0.88
CA SER A 502 11.15 6.78 -0.29
C SER A 502 10.43 8.10 -0.21
N LEU A 503 10.24 8.69 0.98
CA LEU A 503 9.57 10.01 1.07
C LEU A 503 10.56 11.12 1.46
N ASN A 504 11.86 10.94 1.19
CA ASN A 504 12.80 12.04 1.54
C ASN A 504 12.48 13.31 0.76
N HIS A 505 11.91 13.21 -0.44
CA HIS A 505 11.59 14.37 -1.28
C HIS A 505 10.46 15.21 -0.67
N LEU A 506 9.84 14.81 0.43
CA LEU A 506 8.85 15.67 1.15
C LEU A 506 9.57 16.67 2.08
N LEU A 507 10.83 16.40 2.43
CA LEU A 507 11.48 16.98 3.60
C LEU A 507 12.56 17.97 3.19
N ARG A 508 12.58 19.09 3.92
CA ARG A 508 13.72 20.04 3.79
C ARG A 508 14.96 19.51 4.50
N THR A 509 14.81 18.90 5.67
CA THR A 509 15.89 18.40 6.58
C THR A 509 15.45 17.05 7.16
N ASN A 510 16.27 16.42 7.99
CA ASN A 510 15.91 15.17 8.69
C ASN A 510 15.65 14.05 7.67
N THR A 511 16.26 14.15 6.47
CA THR A 511 16.17 13.03 5.52
C THR A 511 16.86 11.79 6.07
N PHE A 512 16.43 10.63 5.58
CA PHE A 512 17.01 9.35 6.03
C PHE A 512 17.77 8.76 4.87
N ARG A 513 19.08 8.56 5.06
CA ARG A 513 19.92 8.26 3.91
C ARG A 513 20.42 6.83 4.02
N PRO A 514 19.66 5.81 3.57
CA PRO A 514 20.08 4.43 3.74
C PRO A 514 21.10 4.04 2.67
N THR A 515 21.85 2.98 2.99
CA THR A 515 22.77 2.33 2.07
C THR A 515 21.98 1.20 1.41
N MET A 516 22.31 0.90 0.18
CA MET A 516 21.73 -0.26 -0.54
C MET A 516 22.08 -1.52 0.27
N PRO A 517 21.17 -2.50 0.33
CA PRO A 517 21.48 -3.74 1.01
C PRO A 517 22.67 -4.45 0.36
N ASP A 518 23.45 -5.11 1.21
CA ASP A 518 24.61 -5.89 0.71
C ASP A 518 24.14 -7.16 -0.04
N GLU A 519 24.78 -7.45 -1.18
CA GLU A 519 24.52 -8.71 -1.94
C GLU A 519 24.99 -9.85 -1.02
N VAL A 520 24.23 -10.91 -0.88
CA VAL A 520 24.59 -12.06 -0.01
C VAL A 520 25.22 -13.15 -0.86
N SER A 521 24.66 -13.45 -2.02
CA SER A 521 25.18 -14.52 -2.89
C SER A 521 25.78 -13.93 -4.14
N ARG A 522 27.01 -14.29 -4.41
CA ARG A 522 27.67 -13.91 -5.68
C ARG A 522 27.35 -14.96 -6.73
N PRO A 523 27.13 -14.51 -7.97
CA PRO A 523 26.83 -15.45 -9.03
C PRO A 523 28.10 -16.23 -9.44
N ASN A 524 27.84 -17.36 -10.04
CA ASN A 524 28.79 -18.13 -10.89
C ASN A 524 28.60 -17.67 -12.32
N TYR A 525 29.65 -17.71 -13.13
CA TYR A 525 29.62 -17.36 -14.56
C TYR A 525 30.09 -18.56 -15.37
N PRO A 526 29.25 -19.58 -15.53
CA PRO A 526 29.70 -20.81 -16.17
C PRO A 526 29.93 -20.64 -17.66
N GLY A 527 30.96 -21.33 -18.15
CA GLY A 527 31.18 -21.50 -19.57
C GLY A 527 30.68 -22.85 -20.01
N ILE A 528 31.10 -23.25 -21.20
CA ILE A 528 30.67 -24.53 -21.83
C ILE A 528 31.38 -25.68 -21.13
N MET A 529 30.63 -26.53 -20.47
CA MET A 529 31.20 -27.51 -19.52
CA MET A 529 31.23 -27.53 -19.55
C MET A 529 30.62 -28.90 -19.76
N TYR A 530 29.58 -29.03 -20.58
CA TYR A 530 28.88 -30.32 -20.76
C TYR A 530 28.66 -30.62 -22.22
N LEU A 531 28.80 -31.89 -22.59
CA LEU A 531 28.47 -32.30 -23.96
C LEU A 531 26.96 -32.63 -24.03
N GLN A 532 26.40 -32.45 -25.21
CA GLN A 532 24.97 -32.69 -25.46
C GLN A 532 24.57 -34.08 -24.98
N SER A 533 25.37 -35.10 -25.22
CA SER A 533 24.97 -36.50 -24.91
C SER A 533 24.97 -36.76 -23.41
N GLU A 534 25.47 -35.85 -22.56
CA GLU A 534 25.40 -36.06 -21.10
C GLU A 534 23.97 -35.80 -20.59
N PHE A 535 23.14 -35.16 -21.39
CA PHE A 535 21.75 -34.80 -20.99
C PHE A 535 20.83 -35.97 -21.35
N ASP A 536 20.02 -36.39 -20.39
CA ASP A 536 18.95 -37.39 -20.61
C ASP A 536 17.65 -36.79 -20.09
N LEU A 537 17.23 -35.72 -20.75
CA LEU A 537 16.09 -34.92 -20.24
C LEU A 537 14.81 -35.30 -20.96
N GLY A 538 14.82 -36.13 -21.99
CA GLY A 538 13.59 -36.42 -22.74
C GLY A 538 13.18 -35.26 -23.62
N CYS A 539 14.08 -34.32 -23.86
CA CYS A 539 13.80 -33.13 -24.70
C CYS A 539 14.19 -33.43 -26.13
N THR A 540 13.56 -32.78 -27.08
CA THR A 540 13.98 -32.82 -28.50
C THR A 540 13.93 -31.40 -29.07
N CYS A 541 14.74 -31.16 -30.07
CA CYS A 541 14.68 -29.91 -30.86
C CYS A 541 15.24 -30.17 -32.25
N ASP A 542 14.53 -29.71 -33.26
CA ASP A 542 15.00 -29.67 -34.66
C ASP A 542 16.01 -28.52 -34.84
N ASP A 543 17.21 -28.62 -34.27
CA ASP A 543 18.19 -27.50 -34.29
C ASP A 543 19.53 -27.89 -34.92
N LYS A 544 19.60 -29.00 -35.67
CA LYS A 544 20.84 -29.41 -36.41
C LYS A 544 20.93 -28.63 -37.73
N VAL A 545 21.59 -27.47 -37.72
CA VAL A 545 21.79 -26.58 -38.91
C VAL A 545 23.18 -25.90 -38.83
N GLU A 546 24.21 -26.49 -39.47
CA GLU A 546 25.64 -26.07 -39.37
C GLU A 546 25.78 -24.57 -39.68
N ASN A 549 30.92 -20.85 -39.74
CA ASN A 549 31.21 -19.59 -40.48
C ASN A 549 31.87 -18.59 -39.54
N LYS A 550 33.21 -18.62 -39.40
CA LYS A 550 33.99 -18.03 -38.26
C LYS A 550 33.72 -16.54 -38.06
N LEU A 551 33.07 -15.85 -39.02
CA LEU A 551 32.46 -14.50 -38.83
C LEU A 551 31.47 -14.58 -37.64
N GLU A 552 30.47 -15.46 -37.78
CA GLU A 552 29.32 -15.61 -36.84
C GLU A 552 29.74 -16.47 -35.63
N GLU A 553 30.71 -17.37 -35.77
CA GLU A 553 31.14 -18.27 -34.67
C GLU A 553 31.84 -17.42 -33.59
N LEU A 554 32.60 -16.41 -33.99
CA LEU A 554 33.22 -15.43 -33.04
C LEU A 554 32.09 -14.68 -32.32
N ASN A 555 31.10 -14.17 -33.08
CA ASN A 555 29.93 -13.39 -32.60
C ASN A 555 29.10 -14.19 -31.58
N LYS A 556 28.84 -15.46 -31.88
CA LYS A 556 28.11 -16.41 -31.01
C LYS A 556 28.84 -16.41 -29.66
N ARG A 557 30.17 -16.55 -29.67
CA ARG A 557 30.99 -16.65 -28.43
C ARG A 557 30.92 -15.34 -27.63
N LEU A 558 31.01 -14.20 -28.32
CA LEU A 558 30.97 -12.86 -27.70
C LEU A 558 29.65 -12.72 -26.95
N HIS A 559 28.54 -13.10 -27.58
CA HIS A 559 27.18 -12.93 -27.00
C HIS A 559 27.07 -13.81 -25.75
N THR A 560 27.66 -15.01 -25.75
CA THR A 560 27.56 -15.94 -24.60
C THR A 560 28.45 -15.40 -23.48
N LYS A 561 29.46 -14.58 -23.80
CA LYS A 561 30.35 -13.95 -22.77
C LYS A 561 29.80 -12.59 -22.32
N GLY A 562 28.68 -12.08 -22.89
CA GLY A 562 28.00 -10.91 -22.34
C GLY A 562 28.21 -9.64 -23.17
N SER A 563 28.62 -9.75 -24.43
CA SER A 563 28.82 -8.55 -25.30
C SER A 563 27.57 -7.70 -25.49
N THR A 564 26.36 -8.22 -25.35
CA THR A 564 25.13 -7.39 -25.52
C THR A 564 24.57 -7.05 -24.13
N LYS A 565 25.26 -7.42 -23.04
CA LYS A 565 24.61 -7.35 -21.69
C LYS A 565 24.25 -5.89 -21.36
N GLU A 566 24.97 -4.90 -21.91
CA GLU A 566 24.67 -3.48 -21.58
C GLU A 566 23.34 -3.07 -22.21
N ARG A 567 22.89 -3.72 -23.25
CA ARG A 567 21.60 -3.37 -23.86
CA ARG A 567 21.60 -3.41 -23.89
C ARG A 567 20.48 -4.02 -23.02
N HIS A 568 20.71 -5.20 -22.49
CA HIS A 568 19.60 -6.00 -21.90
C HIS A 568 19.54 -5.88 -20.40
N LEU A 569 20.62 -5.50 -19.76
CA LEU A 569 20.69 -5.33 -18.30
C LEU A 569 20.97 -3.85 -18.04
N LEU A 570 19.94 -3.04 -17.95
CA LEU A 570 20.12 -1.57 -18.04
C LEU A 570 20.44 -0.95 -16.70
N TYR A 571 20.12 -1.61 -15.60
CA TYR A 571 20.16 -1.01 -14.25
C TYR A 571 21.03 -1.85 -13.32
N GLY A 572 21.95 -2.62 -13.87
CA GLY A 572 22.77 -3.55 -13.10
C GLY A 572 22.09 -4.91 -12.93
N ARG A 573 22.86 -5.90 -12.53
CA ARG A 573 22.15 -7.15 -12.21
CA ARG A 573 22.32 -7.21 -12.10
C ARG A 573 21.50 -6.97 -10.84
N PRO A 574 20.31 -7.55 -10.68
CA PRO A 574 19.66 -7.56 -9.39
C PRO A 574 20.56 -8.20 -8.35
N ALA A 575 20.55 -7.73 -7.13
CA ALA A 575 21.35 -8.39 -6.08
C ALA A 575 20.50 -9.47 -5.42
N VAL A 576 21.09 -10.61 -5.12
CA VAL A 576 20.42 -11.72 -4.39
C VAL A 576 20.71 -11.55 -2.91
N LEU A 577 19.71 -11.28 -2.08
CA LEU A 577 19.86 -10.88 -0.67
C LEU A 577 19.70 -12.06 0.27
N TYR A 578 19.89 -13.28 -0.19
CA TYR A 578 19.88 -14.46 0.66
C TYR A 578 20.90 -15.44 0.10
N ARG A 579 21.19 -16.46 0.90
CA ARG A 579 22.21 -17.49 0.53
C ARG A 579 21.63 -18.51 -0.45
N THR A 580 22.21 -18.60 -1.64
CA THR A 580 21.77 -19.54 -2.67
C THR A 580 22.91 -19.78 -3.65
N SER A 581 22.67 -20.67 -4.59
CA SER A 581 23.60 -21.02 -5.67
CA SER A 581 23.60 -21.01 -5.67
C SER A 581 22.94 -20.66 -7.00
N TYR A 582 23.51 -19.71 -7.73
CA TYR A 582 22.93 -19.31 -9.03
C TYR A 582 24.03 -18.92 -9.99
N ASP A 583 23.65 -18.94 -11.26
CA ASP A 583 24.53 -18.69 -12.39
C ASP A 583 24.03 -17.51 -13.22
N ILE A 584 24.89 -16.63 -13.64
CA ILE A 584 24.57 -15.63 -14.69
CA ILE A 584 24.50 -15.64 -14.68
C ILE A 584 24.76 -16.28 -16.05
N LEU A 585 23.73 -16.22 -16.90
CA LEU A 585 23.72 -16.76 -18.26
C LEU A 585 23.47 -15.61 -19.21
N TYR A 586 24.40 -15.42 -20.15
CA TYR A 586 24.31 -14.35 -21.14
C TYR A 586 23.82 -14.92 -22.46
N HIS A 587 23.06 -14.13 -23.19
CA HIS A 587 22.59 -14.47 -24.54
C HIS A 587 22.47 -13.21 -25.38
N THR A 588 22.37 -13.37 -26.71
CA THR A 588 22.21 -12.23 -27.61
C THR A 588 21.09 -11.31 -27.12
N ASP A 589 19.94 -11.90 -26.77
CA ASP A 589 18.73 -11.07 -26.58
C ASP A 589 18.30 -10.89 -25.10
N PHE A 590 18.95 -11.59 -24.19
CA PHE A 590 18.52 -11.59 -22.77
C PHE A 590 19.61 -12.14 -21.89
N GLU A 591 19.56 -11.76 -20.61
CA GLU A 591 20.47 -12.20 -19.54
CA GLU A 591 20.46 -12.27 -19.57
C GLU A 591 19.63 -12.78 -18.42
N SER A 592 20.10 -13.78 -17.76
CA SER A 592 19.34 -14.37 -16.65
C SER A 592 20.22 -14.71 -15.47
N GLY A 593 19.57 -14.74 -14.31
CA GLY A 593 20.14 -15.28 -13.09
C GLY A 593 19.51 -16.61 -12.81
N TYR A 594 20.18 -17.71 -13.05
CA TYR A 594 19.60 -19.06 -13.07
C TYR A 594 19.83 -19.79 -11.76
N SER A 595 18.80 -20.13 -11.02
CA SER A 595 18.92 -20.82 -9.72
C SER A 595 19.19 -22.29 -9.91
N GLU A 596 20.31 -22.78 -9.36
CA GLU A 596 20.59 -24.23 -9.38
C GLU A 596 19.70 -24.93 -8.33
N ILE A 597 19.08 -24.24 -7.40
CA ILE A 597 18.26 -24.83 -6.33
C ILE A 597 16.81 -24.98 -6.82
N PHE A 598 16.26 -23.96 -7.48
CA PHE A 598 14.86 -23.96 -7.96
C PHE A 598 14.79 -24.40 -9.43
N LEU A 599 15.92 -24.62 -10.10
CA LEU A 599 16.05 -25.19 -11.46
C LEU A 599 15.42 -24.25 -12.49
N MET A 600 15.47 -22.96 -12.26
CA MET A 600 14.90 -22.00 -13.21
C MET A 600 15.43 -20.63 -12.89
N PRO A 601 15.28 -19.63 -13.77
CA PRO A 601 15.71 -18.28 -13.43
C PRO A 601 14.95 -17.69 -12.25
N LEU A 602 15.71 -16.92 -11.45
CA LEU A 602 15.16 -16.00 -10.46
C LEU A 602 14.71 -14.75 -11.17
N TRP A 603 15.38 -14.36 -12.26
CA TRP A 603 15.09 -13.14 -13.01
C TRP A 603 15.62 -13.41 -14.43
N THR A 604 14.96 -12.78 -15.37
CA THR A 604 15.35 -12.72 -16.80
C THR A 604 15.19 -11.30 -17.26
N SER A 605 16.22 -10.69 -17.87
CA SER A 605 16.25 -9.26 -18.21
C SER A 605 16.43 -9.10 -19.71
N TYR A 606 15.61 -8.29 -20.34
CA TYR A 606 15.75 -8.07 -21.78
C TYR A 606 15.18 -6.74 -22.15
N THR A 607 15.71 -6.14 -23.19
CA THR A 607 15.25 -4.84 -23.68
C THR A 607 14.64 -5.00 -25.07
N ILE A 608 13.50 -4.37 -25.27
CA ILE A 608 12.72 -4.37 -26.53
C ILE A 608 12.60 -2.91 -26.97
N SER A 609 13.27 -2.59 -28.06
CA SER A 609 13.19 -1.24 -28.61
C SER A 609 11.83 -0.99 -29.26
N LYS A 610 11.53 0.29 -29.50
CA LYS A 610 10.31 0.69 -30.24
C LYS A 610 10.28 0.05 -31.64
N GLN A 611 11.42 -0.23 -32.21
CA GLN A 611 11.55 -0.71 -33.61
C GLN A 611 11.49 -2.23 -33.65
N ALA A 612 11.45 -2.93 -32.50
CA ALA A 612 11.52 -4.40 -32.46
C ALA A 612 10.39 -5.03 -33.26
N GLU A 613 10.69 -6.15 -33.89
CA GLU A 613 9.72 -6.93 -34.69
C GLU A 613 9.28 -8.16 -33.85
N VAL A 614 8.00 -8.45 -33.91
CA VAL A 614 7.42 -9.69 -33.38
C VAL A 614 7.48 -10.76 -34.47
N SER A 615 7.88 -11.96 -34.09
CA SER A 615 7.84 -13.11 -35.02
C SER A 615 7.11 -14.27 -34.36
N SER A 616 6.91 -15.34 -35.11
CA SER A 616 6.22 -16.56 -34.68
C SER A 616 7.23 -17.53 -34.09
N ILE A 617 6.73 -18.55 -33.42
CA ILE A 617 7.53 -19.75 -33.14
C ILE A 617 7.41 -20.59 -34.40
N PRO A 618 8.51 -20.80 -35.15
CA PRO A 618 8.50 -21.57 -36.37
C PRO A 618 7.87 -22.95 -36.11
N GLU A 619 7.19 -23.48 -37.12
CA GLU A 619 6.49 -24.78 -37.02
CA GLU A 619 6.48 -24.78 -37.04
C GLU A 619 7.43 -25.88 -36.52
N HIS A 620 8.63 -25.95 -37.06
CA HIS A 620 9.60 -27.02 -36.72
C HIS A 620 10.09 -26.89 -35.27
N LEU A 621 9.82 -25.75 -34.60
CA LEU A 621 10.39 -25.50 -33.24
C LEU A 621 9.28 -25.47 -32.19
N THR A 622 8.03 -25.87 -32.52
CA THR A 622 6.88 -25.72 -31.57
C THR A 622 7.20 -26.39 -30.22
N ASN A 623 7.80 -27.58 -30.25
CA ASN A 623 8.06 -28.37 -29.03
C ASN A 623 9.56 -28.41 -28.73
N CYS A 624 10.33 -27.50 -29.29
CA CYS A 624 11.81 -27.47 -29.11
C CYS A 624 12.16 -27.08 -27.66
N VAL A 625 12.93 -27.94 -27.00
CA VAL A 625 13.65 -27.59 -25.75
C VAL A 625 15.09 -28.09 -25.88
N ARG A 626 16.06 -27.24 -25.57
CA ARG A 626 17.49 -27.47 -25.87
C ARG A 626 18.27 -27.53 -24.56
N PRO A 627 19.06 -28.57 -24.31
CA PRO A 627 20.01 -28.54 -23.19
C PRO A 627 20.95 -27.34 -23.25
N ASP A 628 21.25 -26.82 -22.07
CA ASP A 628 22.17 -25.70 -21.91
C ASP A 628 23.52 -26.25 -21.47
N VAL A 629 24.49 -26.19 -22.36
CA VAL A 629 25.81 -26.88 -22.11
C VAL A 629 26.63 -26.11 -21.08
N ARG A 630 26.13 -25.01 -20.53
CA ARG A 630 26.76 -24.32 -19.40
C ARG A 630 26.27 -24.85 -18.05
N VAL A 631 25.17 -25.60 -18.01
CA VAL A 631 24.50 -25.99 -16.75
C VAL A 631 24.36 -27.51 -16.68
N SER A 632 24.71 -28.11 -15.56
CA SER A 632 24.75 -29.59 -15.48
CA SER A 632 24.73 -29.58 -15.42
C SER A 632 23.36 -30.19 -15.69
N PRO A 633 23.32 -31.42 -16.19
CA PRO A 633 22.06 -32.13 -16.25
C PRO A 633 21.39 -32.16 -14.89
N GLY A 634 22.13 -32.34 -13.82
CA GLY A 634 21.58 -32.43 -12.46
C GLY A 634 20.96 -31.12 -11.99
N PHE A 635 21.32 -29.99 -12.59
CA PHE A 635 20.77 -28.69 -12.21
C PHE A 635 19.85 -28.16 -13.31
N SER A 636 19.25 -29.04 -14.12
CA SER A 636 18.35 -28.72 -15.25
C SER A 636 16.97 -29.33 -15.00
N GLN A 637 15.96 -28.67 -15.53
CA GLN A 637 14.62 -29.28 -15.72
C GLN A 637 14.69 -30.39 -16.75
N ASN A 638 13.62 -31.13 -16.89
CA ASN A 638 13.59 -32.18 -17.93
C ASN A 638 12.20 -32.14 -18.54
N CYS A 639 12.10 -32.52 -19.79
CA CYS A 639 10.84 -32.50 -20.58
C CYS A 639 9.98 -33.69 -20.19
N LEU A 640 10.56 -34.80 -19.75
CA LEU A 640 9.74 -35.98 -19.45
C LEU A 640 8.78 -35.67 -18.29
N ALA A 641 9.20 -34.92 -17.29
CA ALA A 641 8.31 -34.56 -16.17
C ALA A 641 7.11 -33.81 -16.73
N TYR A 642 7.29 -32.87 -17.64
CA TYR A 642 6.14 -32.12 -18.21
C TYR A 642 5.24 -33.06 -19.02
N LYS A 643 5.80 -34.06 -19.72
CA LYS A 643 5.00 -35.00 -20.52
C LYS A 643 4.15 -35.81 -19.56
N ASN A 644 4.71 -36.27 -18.45
CA ASN A 644 4.02 -37.14 -17.48
C ASN A 644 2.99 -36.37 -16.66
N ASP A 645 3.23 -35.08 -16.40
CA ASP A 645 2.34 -34.26 -15.56
C ASP A 645 1.21 -33.78 -16.43
N LYS A 646 0.02 -34.38 -16.35
CA LYS A 646 -1.05 -34.09 -17.32
C LYS A 646 -1.68 -32.71 -17.07
N GLN A 647 -1.47 -32.10 -15.93
CA GLN A 647 -2.03 -30.76 -15.57
CA GLN A 647 -2.06 -30.76 -15.68
C GLN A 647 -1.04 -29.66 -15.95
N MET A 648 0.26 -29.95 -16.00
CA MET A 648 1.28 -28.87 -16.05
C MET A 648 1.95 -28.84 -17.42
N SER A 649 2.07 -27.69 -18.01
CA SER A 649 2.86 -27.45 -19.23
C SER A 649 4.01 -26.50 -18.87
N TYR A 650 4.58 -25.84 -19.86
CA TYR A 650 5.74 -24.95 -19.67
C TYR A 650 5.63 -23.77 -20.60
N GLY A 651 6.27 -22.68 -20.16
CA GLY A 651 6.49 -21.47 -20.94
C GLY A 651 7.94 -21.04 -20.81
N PHE A 652 8.22 -19.89 -21.38
CA PHE A 652 9.58 -19.34 -21.41
C PHE A 652 9.54 -17.93 -20.85
N LEU A 653 10.59 -17.58 -20.12
CA LEU A 653 10.68 -16.24 -19.52
C LEU A 653 11.04 -15.21 -20.57
N PHE A 654 12.11 -15.40 -21.33
CA PHE A 654 12.37 -14.54 -22.50
C PHE A 654 11.52 -15.08 -23.62
N PRO A 655 10.68 -14.23 -24.21
CA PRO A 655 9.75 -14.77 -25.20
C PRO A 655 10.37 -15.05 -26.58
N PRO A 656 10.22 -16.24 -27.13
CA PRO A 656 10.74 -16.53 -28.45
C PRO A 656 10.18 -15.61 -29.52
N TYR A 657 8.98 -15.01 -29.31
CA TYR A 657 8.32 -14.08 -30.26
C TYR A 657 9.18 -12.85 -30.49
N LEU A 658 10.04 -12.49 -29.54
CA LEU A 658 10.77 -11.22 -29.66
C LEU A 658 12.27 -11.43 -29.92
N SER A 659 12.63 -12.59 -30.42
CA SER A 659 14.00 -12.86 -30.87
C SER A 659 14.47 -11.79 -31.87
N SER A 660 15.77 -11.49 -31.84
CA SER A 660 16.36 -10.46 -32.72
C SER A 660 16.61 -11.05 -34.13
N SER A 661 16.67 -12.35 -34.24
CA SER A 661 16.97 -13.04 -35.52
C SER A 661 16.58 -14.49 -35.38
N PRO A 662 16.34 -15.17 -36.51
CA PRO A 662 16.07 -16.59 -36.50
C PRO A 662 17.14 -17.37 -35.75
N GLU A 663 18.42 -17.01 -35.92
CA GLU A 663 19.49 -17.72 -35.22
C GLU A 663 19.39 -17.49 -33.70
N ALA A 664 19.15 -16.26 -33.28
CA ALA A 664 19.09 -15.93 -31.85
C ALA A 664 17.87 -16.62 -31.21
N LYS A 665 16.83 -16.90 -32.00
CA LYS A 665 15.62 -17.50 -31.45
C LYS A 665 15.93 -18.83 -30.78
N TYR A 666 16.91 -19.58 -31.24
CA TYR A 666 17.22 -20.89 -30.64
C TYR A 666 17.56 -20.77 -29.15
N ASP A 667 18.17 -19.66 -28.72
CA ASP A 667 18.52 -19.38 -27.31
C ASP A 667 17.26 -19.41 -26.43
N ALA A 668 16.16 -18.93 -26.99
CA ALA A 668 14.88 -18.77 -26.24
C ALA A 668 14.34 -20.15 -25.86
N PHE A 669 14.76 -21.22 -26.53
CA PHE A 669 14.28 -22.57 -26.26
C PHE A 669 15.23 -23.35 -25.37
N LEU A 670 16.26 -22.73 -24.80
CA LEU A 670 17.09 -23.39 -23.80
C LEU A 670 16.29 -23.84 -22.61
N VAL A 671 16.63 -24.98 -22.06
CA VAL A 671 15.97 -25.57 -20.87
C VAL A 671 16.10 -24.61 -19.68
N THR A 672 17.10 -23.73 -19.71
CA THR A 672 17.40 -22.76 -18.64
C THR A 672 16.49 -21.54 -18.76
N ASN A 673 15.66 -21.46 -19.81
CA ASN A 673 14.70 -20.33 -20.00
C ASN A 673 13.26 -20.82 -19.74
N MET A 674 13.08 -22.10 -19.50
CA MET A 674 11.75 -22.74 -19.33
CA MET A 674 11.70 -22.64 -19.36
C MET A 674 11.24 -22.62 -17.90
N VAL A 675 9.92 -22.47 -17.72
CA VAL A 675 9.31 -22.41 -16.39
C VAL A 675 7.98 -23.14 -16.46
N PRO A 676 7.56 -23.73 -15.34
CA PRO A 676 6.30 -24.48 -15.36
C PRO A 676 5.08 -23.56 -15.47
N MET A 677 4.17 -23.90 -16.34
CA MET A 677 2.95 -23.09 -16.54
C MET A 677 1.75 -23.98 -16.84
N TYR A 678 0.73 -23.78 -16.04
CA TYR A 678 -0.60 -24.38 -16.36
C TYR A 678 -1.03 -23.92 -17.73
N PRO A 679 -1.66 -24.78 -18.56
CA PRO A 679 -2.21 -24.32 -19.84
C PRO A 679 -3.10 -23.08 -19.74
N ALA A 680 -3.92 -22.98 -18.72
CA ALA A 680 -4.81 -21.82 -18.57
C ALA A 680 -4.00 -20.54 -18.41
N PHE A 681 -2.93 -20.63 -17.66
CA PHE A 681 -2.00 -19.48 -17.46
C PHE A 681 -1.20 -19.17 -18.72
N LYS A 682 -0.83 -20.17 -19.48
CA LYS A 682 -0.11 -19.93 -20.74
C LYS A 682 -0.95 -19.06 -21.67
N ARG A 683 -2.27 -19.12 -21.63
CA ARG A 683 -3.07 -18.16 -22.44
C ARG A 683 -2.78 -16.71 -22.07
N VAL A 684 -2.68 -16.46 -20.77
CA VAL A 684 -2.35 -15.12 -20.26
C VAL A 684 -0.92 -14.72 -20.69
N TRP A 685 0.02 -15.59 -20.35
CA TRP A 685 1.46 -15.32 -20.55
C TRP A 685 1.80 -15.14 -22.03
N ALA A 686 1.24 -15.97 -22.91
CA ALA A 686 1.53 -15.85 -24.34
C ALA A 686 0.97 -14.54 -24.88
N TYR A 687 -0.17 -14.08 -24.42
CA TYR A 687 -0.74 -12.81 -24.90
C TYR A 687 0.14 -11.65 -24.45
N PHE A 688 0.55 -11.68 -23.18
CA PHE A 688 1.51 -10.70 -22.63
C PHE A 688 2.73 -10.67 -23.53
N GLN A 689 3.33 -11.82 -23.75
CA GLN A 689 4.65 -11.86 -24.45
C GLN A 689 4.51 -11.49 -25.93
N ARG A 690 3.50 -12.01 -26.60
CA ARG A 690 3.36 -11.84 -28.08
C ARG A 690 2.78 -10.48 -28.43
N VAL A 691 1.84 -9.93 -27.62
CA VAL A 691 1.12 -8.69 -27.96
C VAL A 691 1.54 -7.54 -27.06
N LEU A 692 1.47 -7.75 -25.76
CA LEU A 692 1.54 -6.58 -24.86
C LEU A 692 2.97 -6.04 -24.73
N VAL A 693 4.03 -6.85 -24.67
CA VAL A 693 5.38 -6.26 -24.56
C VAL A 693 5.62 -5.30 -25.73
N LYS A 694 5.35 -5.75 -26.95
CA LYS A 694 5.62 -4.87 -28.10
CA LYS A 694 5.53 -4.92 -28.17
C LYS A 694 4.72 -3.63 -28.05
N LYS A 695 3.47 -3.75 -27.63
CA LYS A 695 2.58 -2.56 -27.42
C LYS A 695 3.24 -1.58 -26.45
N TYR A 696 3.79 -2.07 -25.35
CA TYR A 696 4.42 -1.15 -24.37
C TYR A 696 5.68 -0.55 -24.98
N ALA A 697 6.50 -1.29 -25.71
CA ALA A 697 7.68 -0.73 -26.33
C ALA A 697 7.25 0.38 -27.31
N SER A 698 6.16 0.17 -28.01
CA SER A 698 5.66 1.17 -29.00
CA SER A 698 5.69 1.18 -29.01
C SER A 698 5.25 2.44 -28.27
N GLU A 699 4.53 2.28 -27.17
CA GLU A 699 3.95 3.41 -26.41
C GLU A 699 5.01 4.14 -25.62
N ARG A 700 6.01 3.44 -25.08
CA ARG A 700 6.94 3.99 -24.07
CA ARG A 700 6.92 4.03 -24.08
C ARG A 700 8.30 4.32 -24.67
N ASN A 701 8.48 4.07 -25.97
CA ASN A 701 9.77 4.26 -26.67
C ASN A 701 10.80 3.29 -26.12
N GLY A 702 10.48 2.01 -26.29
CA GLY A 702 11.29 0.90 -25.76
C GLY A 702 10.90 0.58 -24.31
N VAL A 703 11.11 -0.67 -23.96
CA VAL A 703 10.99 -1.07 -22.53
C VAL A 703 12.10 -2.04 -22.20
N ASN A 704 12.52 -2.02 -20.95
CA ASN A 704 13.31 -3.10 -20.36
C ASN A 704 12.39 -3.96 -19.50
N VAL A 705 12.44 -5.26 -19.67
CA VAL A 705 11.54 -6.19 -18.94
C VAL A 705 12.40 -7.08 -18.07
N ILE A 706 12.05 -7.17 -16.78
CA ILE A 706 12.64 -8.23 -15.94
C ILE A 706 11.47 -9.12 -15.54
N SER A 707 11.52 -10.41 -15.84
CA SER A 707 10.42 -11.33 -15.50
C SER A 707 10.97 -12.47 -14.66
N GLY A 708 10.10 -13.13 -13.90
CA GLY A 708 10.57 -14.29 -13.15
C GLY A 708 9.44 -14.93 -12.37
N PRO A 709 9.77 -16.03 -11.70
CA PRO A 709 8.81 -16.71 -10.83
C PRO A 709 8.77 -16.13 -9.42
N ILE A 710 7.66 -16.34 -8.73
CA ILE A 710 7.50 -16.09 -7.28
C ILE A 710 6.91 -17.31 -6.62
N PHE A 711 7.42 -17.64 -5.46
CA PHE A 711 6.95 -18.77 -4.63
C PHE A 711 6.49 -18.18 -3.29
N ASP A 712 5.17 -18.12 -3.07
CA ASP A 712 4.64 -17.67 -1.77
C ASP A 712 3.47 -18.55 -1.35
N TYR A 713 3.78 -19.80 -1.03
CA TYR A 713 2.76 -20.80 -0.64
C TYR A 713 2.18 -20.50 0.73
N ASN A 714 2.86 -19.77 1.59
CA ASN A 714 2.29 -19.40 2.91
C ASN A 714 1.72 -17.97 2.92
N TYR A 715 1.58 -17.36 1.74
CA TYR A 715 0.90 -16.07 1.53
C TYR A 715 1.33 -15.05 2.58
N ASP A 716 2.63 -14.98 2.88
CA ASP A 716 3.12 -13.96 3.86
C ASP A 716 3.77 -12.78 3.12
N GLY A 717 3.71 -12.75 1.77
CA GLY A 717 4.32 -11.65 1.01
C GLY A 717 5.83 -11.73 0.91
N LEU A 718 6.42 -12.83 1.38
CA LEU A 718 7.89 -12.97 1.43
C LEU A 718 8.32 -14.23 0.71
N ARG A 719 9.48 -14.16 0.08
CA ARG A 719 10.12 -15.30 -0.62
C ARG A 719 10.02 -16.58 0.20
N ASP A 720 9.50 -17.62 -0.42
CA ASP A 720 9.54 -18.95 0.23
C ASP A 720 10.97 -19.54 0.18
N THR A 721 11.33 -20.25 1.24
CA THR A 721 12.44 -21.19 1.19
C THR A 721 11.97 -22.48 0.54
N GLU A 722 12.93 -23.32 0.13
CA GLU A 722 12.57 -24.55 -0.63
C GLU A 722 11.64 -25.47 0.15
N ASP A 723 11.77 -25.51 1.45
CA ASP A 723 10.95 -26.44 2.26
C ASP A 723 9.54 -25.92 2.47
N GLU A 724 9.14 -24.79 1.87
CA GLU A 724 7.79 -24.20 1.99
C GLU A 724 6.99 -24.50 0.74
N ILE A 725 7.60 -25.13 -0.29
CA ILE A 725 6.94 -25.35 -1.58
C ILE A 725 5.94 -26.51 -1.52
N LYS A 726 4.70 -26.28 -1.89
CA LYS A 726 3.63 -27.30 -1.73
C LYS A 726 3.42 -28.10 -2.99
N GLN A 727 3.94 -27.70 -4.16
CA GLN A 727 3.63 -28.37 -5.44
CA GLN A 727 3.63 -28.36 -5.45
C GLN A 727 4.89 -28.35 -6.31
N TYR A 728 5.15 -29.49 -6.92
CA TYR A 728 6.23 -29.73 -7.88
C TYR A 728 5.57 -30.26 -9.14
N VAL A 729 6.29 -30.11 -10.23
CA VAL A 729 5.97 -30.83 -11.48
C VAL A 729 6.09 -32.33 -11.19
N GLU A 730 5.04 -33.04 -11.53
CA GLU A 730 4.89 -34.46 -11.08
C GLU A 730 6.19 -35.25 -11.31
N GLY A 731 6.65 -35.91 -10.24
CA GLY A 731 7.76 -36.84 -10.27
C GLY A 731 9.08 -36.15 -10.43
N SER A 732 9.14 -34.86 -10.12
CA SER A 732 10.39 -34.08 -10.28
C SER A 732 10.60 -33.22 -9.04
N SER A 733 11.74 -32.55 -9.01
CA SER A 733 12.10 -31.53 -8.01
C SER A 733 11.93 -30.14 -8.64
N ILE A 734 11.13 -29.98 -9.68
CA ILE A 734 10.90 -28.66 -10.32
C ILE A 734 9.75 -28.03 -9.55
N PRO A 735 10.02 -26.96 -8.78
CA PRO A 735 8.95 -26.34 -7.97
C PRO A 735 7.98 -25.52 -8.82
N VAL A 736 6.70 -25.47 -8.44
CA VAL A 736 5.72 -24.69 -9.22
C VAL A 736 5.57 -23.30 -8.61
N PRO A 737 5.82 -22.22 -9.38
CA PRO A 737 5.56 -20.89 -8.86
C PRO A 737 4.10 -20.66 -8.50
N THR A 738 3.85 -19.83 -7.48
CA THR A 738 2.51 -19.35 -7.20
C THR A 738 2.15 -18.14 -8.05
N HIS A 739 3.15 -17.41 -8.54
CA HIS A 739 2.95 -16.17 -9.32
C HIS A 739 4.10 -16.01 -10.32
N TYR A 740 3.85 -15.21 -11.33
CA TYR A 740 4.89 -14.74 -12.27
C TYR A 740 4.89 -13.23 -12.24
N TYR A 741 6.06 -12.60 -12.17
CA TYR A 741 6.18 -11.13 -12.13
C TYR A 741 6.78 -10.67 -13.44
N SER A 742 6.57 -9.39 -13.69
CA SER A 742 7.35 -8.60 -14.67
C SER A 742 7.46 -7.16 -14.18
N ILE A 743 8.62 -6.60 -14.36
CA ILE A 743 8.99 -5.19 -14.09
C ILE A 743 9.34 -4.55 -15.40
N ILE A 744 8.57 -3.53 -15.78
CA ILE A 744 8.66 -2.96 -17.16
C ILE A 744 9.09 -1.52 -17.02
N THR A 745 10.33 -1.23 -17.38
CA THR A 745 10.98 0.07 -17.08
C THR A 745 11.27 0.81 -18.40
N SER A 746 11.09 2.12 -18.40
CA SER A 746 11.40 2.94 -19.58
C SER A 746 11.84 4.32 -19.09
N CYS A 747 12.09 5.26 -20.01
CA CYS A 747 12.52 6.62 -19.64
C CYS A 747 11.29 7.47 -19.33
N LEU A 748 11.29 8.21 -18.21
CA LEU A 748 10.11 9.06 -17.91
C LEU A 748 9.93 10.07 -19.05
N ASP A 749 11.03 10.59 -19.57
CA ASP A 749 11.01 11.39 -20.84
C ASP A 749 10.98 10.45 -22.02
N PHE A 750 9.80 10.17 -22.52
CA PHE A 750 9.57 9.13 -23.56
C PHE A 750 10.14 9.59 -24.92
N THR A 751 10.72 10.80 -25.01
CA THR A 751 11.47 11.24 -26.23
C THR A 751 12.82 10.53 -26.26
N GLN A 752 13.31 9.95 -25.14
CA GLN A 752 14.53 9.14 -25.14
C GLN A 752 14.13 7.67 -25.07
N PRO A 753 14.84 6.83 -25.81
CA PRO A 753 14.58 5.41 -25.80
C PRO A 753 15.00 4.85 -24.45
N ALA A 754 14.39 3.72 -24.11
CA ALA A 754 14.62 3.08 -22.80
C ALA A 754 16.11 2.80 -22.60
N ASP A 755 16.85 2.43 -23.67
CA ASP A 755 18.27 2.06 -23.52
C ASP A 755 19.23 3.26 -23.63
N LYS A 756 18.72 4.47 -23.79
CA LYS A 756 19.59 5.69 -23.84
C LYS A 756 18.91 6.81 -23.06
N CYS A 757 18.53 6.53 -21.81
CA CYS A 757 17.76 7.43 -20.92
C CYS A 757 18.73 8.15 -19.99
N ASP A 758 18.72 9.48 -19.98
CA ASP A 758 19.67 10.30 -19.19
C ASP A 758 19.09 10.64 -17.83
N GLY A 759 17.78 10.50 -17.62
CA GLY A 759 17.09 11.08 -16.46
C GLY A 759 16.28 10.05 -15.68
N PRO A 760 15.24 10.54 -14.98
CA PRO A 760 14.34 9.69 -14.22
C PRO A 760 13.67 8.59 -15.07
N LEU A 761 13.34 7.49 -14.38
CA LEU A 761 12.71 6.31 -14.98
C LEU A 761 11.20 6.32 -14.74
N SER A 762 10.51 5.50 -15.50
CA SER A 762 9.10 5.17 -15.38
C SER A 762 8.98 3.65 -15.32
N VAL A 763 8.13 3.16 -14.44
CA VAL A 763 7.99 1.70 -14.22
C VAL A 763 6.52 1.35 -14.12
N SER A 764 6.19 0.17 -14.61
CA SER A 764 4.94 -0.52 -14.28
C SER A 764 5.32 -1.97 -14.04
N SER A 765 4.65 -2.63 -13.11
CA SER A 765 4.95 -4.02 -12.78
C SER A 765 3.67 -4.77 -12.49
N PHE A 766 3.77 -6.09 -12.50
CA PHE A 766 2.64 -6.94 -12.14
C PHE A 766 3.14 -8.22 -11.48
N ILE A 767 2.26 -8.78 -10.66
CA ILE A 767 2.43 -10.10 -10.02
C ILE A 767 1.24 -10.96 -10.39
N LEU A 768 1.34 -11.77 -11.41
CA LEU A 768 0.15 -12.50 -11.90
C LEU A 768 0.03 -13.80 -11.14
N PRO A 769 -1.16 -14.14 -10.61
CA PRO A 769 -1.38 -15.46 -10.01
CA PRO A 769 -1.40 -15.45 -9.99
C PRO A 769 -1.26 -16.57 -11.03
N HIS A 770 -0.50 -17.61 -10.67
CA HIS A 770 -0.25 -18.77 -11.55
C HIS A 770 -1.32 -19.83 -11.28
N ARG A 771 -2.46 -19.63 -11.89
CA ARG A 771 -3.64 -20.45 -11.55
CA ARG A 771 -3.72 -20.36 -11.59
C ARG A 771 -3.97 -21.42 -12.67
N PRO A 772 -4.48 -22.60 -12.29
CA PRO A 772 -4.82 -23.66 -13.27
C PRO A 772 -6.11 -23.43 -14.04
N ASP A 773 -6.84 -22.37 -13.72
CA ASP A 773 -8.04 -21.96 -14.47
C ASP A 773 -8.04 -20.43 -14.57
N ASN A 774 -8.93 -19.91 -15.37
CA ASN A 774 -9.20 -18.47 -15.56
C ASN A 774 -10.57 -18.14 -14.95
N ASP A 775 -10.90 -18.79 -13.84
CA ASP A 775 -12.22 -18.54 -13.19
C ASP A 775 -12.30 -17.10 -12.71
N GLU A 776 -11.18 -16.47 -12.38
CA GLU A 776 -11.18 -15.05 -11.96
C GLU A 776 -11.67 -14.14 -13.07
N SER A 777 -11.47 -14.52 -14.34
CA SER A 777 -11.81 -13.68 -15.50
C SER A 777 -13.14 -14.21 -16.11
N CYS A 778 -14.26 -13.60 -15.80
CA CYS A 778 -15.59 -14.13 -16.21
C CYS A 778 -15.72 -14.11 -17.75
N ASN A 779 -14.89 -13.37 -18.47
CA ASN A 779 -14.99 -13.30 -19.95
CA ASN A 779 -14.87 -13.14 -19.92
C ASN A 779 -13.83 -14.06 -20.60
N SER A 780 -13.21 -15.01 -19.89
CA SER A 780 -12.03 -15.77 -20.40
C SER A 780 -12.35 -16.72 -21.56
N SER A 781 -13.59 -17.03 -21.87
CA SER A 781 -13.96 -17.82 -23.07
CA SER A 781 -13.94 -17.83 -23.08
C SER A 781 -13.72 -16.99 -24.33
N GLU A 782 -13.66 -15.68 -24.20
CA GLU A 782 -13.41 -14.74 -25.31
C GLU A 782 -11.90 -14.69 -25.59
N ASP A 783 -11.59 -14.05 -26.70
CA ASP A 783 -10.20 -13.85 -27.13
C ASP A 783 -9.49 -13.11 -25.99
N GLU A 784 -8.22 -13.39 -25.83
CA GLU A 784 -7.37 -12.74 -24.80
C GLU A 784 -7.40 -11.21 -24.92
N SER A 785 -7.67 -10.58 -26.08
CA SER A 785 -7.76 -9.11 -26.27
C SER A 785 -8.89 -8.48 -25.45
N LYS A 786 -9.79 -9.31 -24.93
CA LYS A 786 -11.02 -8.84 -24.22
C LYS A 786 -10.90 -9.09 -22.71
N TRP A 787 -9.83 -9.72 -22.20
CA TRP A 787 -9.79 -10.01 -20.75
C TRP A 787 -8.37 -10.01 -20.15
N VAL A 788 -7.32 -10.29 -20.92
CA VAL A 788 -6.00 -10.55 -20.28
C VAL A 788 -5.46 -9.23 -19.71
N GLU A 789 -5.52 -8.12 -20.41
CA GLU A 789 -4.95 -6.86 -19.89
C GLU A 789 -5.77 -6.43 -18.66
N GLU A 790 -7.08 -6.68 -18.59
CA GLU A 790 -7.92 -6.36 -17.40
CA GLU A 790 -7.85 -6.30 -17.38
C GLU A 790 -7.39 -7.17 -16.20
N LEU A 791 -7.10 -8.45 -16.42
CA LEU A 791 -6.51 -9.27 -15.34
C LEU A 791 -5.19 -8.66 -14.87
N MET A 792 -4.30 -8.34 -15.78
CA MET A 792 -2.96 -7.80 -15.44
C MET A 792 -3.12 -6.48 -14.69
N LYS A 793 -4.08 -5.62 -15.03
CA LYS A 793 -4.26 -4.33 -14.31
C LYS A 793 -4.66 -4.59 -12.88
N MET A 794 -5.54 -5.55 -12.62
CA MET A 794 -5.99 -5.90 -11.27
CA MET A 794 -6.00 -5.89 -11.27
C MET A 794 -4.78 -6.34 -10.43
N HIS A 795 -3.81 -6.99 -11.08
CA HIS A 795 -2.63 -7.55 -10.38
C HIS A 795 -1.39 -6.67 -10.57
N THR A 796 -1.55 -5.39 -10.83
CA THR A 796 -0.48 -4.39 -10.80
C THR A 796 0.24 -4.45 -9.45
N ALA A 797 1.53 -4.11 -9.46
CA ALA A 797 2.39 -4.24 -8.27
C ALA A 797 3.44 -3.15 -8.21
N ARG A 798 3.96 -2.97 -7.02
CA ARG A 798 5.18 -2.15 -6.84
C ARG A 798 6.39 -3.04 -7.03
N VAL A 799 7.50 -2.47 -7.47
CA VAL A 799 8.78 -3.19 -7.49
C VAL A 799 9.08 -3.68 -6.08
N ARG A 800 8.79 -2.87 -5.07
CA ARG A 800 9.05 -3.31 -3.68
CA ARG A 800 9.07 -3.33 -3.67
C ARG A 800 8.29 -4.61 -3.34
N ASP A 801 7.09 -4.78 -3.87
CA ASP A 801 6.30 -6.00 -3.60
C ASP A 801 7.06 -7.21 -4.15
N ILE A 802 7.63 -7.07 -5.31
CA ILE A 802 8.38 -8.16 -5.98
C ILE A 802 9.67 -8.38 -5.22
N GLU A 803 10.34 -7.32 -4.72
CA GLU A 803 11.54 -7.47 -3.87
C GLU A 803 11.22 -8.37 -2.66
N HIS A 804 10.14 -8.07 -1.95
CA HIS A 804 9.80 -8.88 -0.77
C HIS A 804 9.62 -10.36 -1.17
N LEU A 805 8.94 -10.59 -2.27
CA LEU A 805 8.53 -11.92 -2.72
C LEU A 805 9.68 -12.71 -3.33
N THR A 806 10.79 -12.09 -3.70
CA THR A 806 11.92 -12.73 -4.41
C THR A 806 13.22 -12.67 -3.63
N GLY A 807 13.38 -11.79 -2.66
CA GLY A 807 14.73 -11.56 -2.05
C GLY A 807 15.69 -10.98 -3.03
N LEU A 808 15.23 -10.28 -4.07
CA LEU A 808 16.10 -9.58 -5.02
C LEU A 808 16.03 -8.07 -4.74
N ASP A 809 17.08 -7.38 -5.11
CA ASP A 809 17.16 -5.91 -4.99
C ASP A 809 17.47 -5.38 -6.39
N PHE A 810 16.57 -4.62 -6.96
CA PHE A 810 16.66 -4.08 -8.32
C PHE A 810 17.24 -2.66 -8.35
N TYR A 811 17.55 -2.20 -9.55
CA TYR A 811 18.02 -0.83 -9.86
C TYR A 811 19.28 -0.48 -9.07
N ARG A 812 20.21 -1.40 -9.06
CA ARG A 812 21.44 -1.24 -8.23
C ARG A 812 22.42 -0.27 -8.93
N LYS A 813 22.33 -0.16 -10.24
CA LYS A 813 23.33 0.61 -11.06
C LYS A 813 22.61 1.53 -12.03
N THR A 814 22.23 2.68 -11.52
CA THR A 814 21.59 3.77 -12.27
C THR A 814 22.42 5.04 -12.08
N SER A 815 22.02 6.08 -12.81
CA SER A 815 22.60 7.44 -12.62
C SER A 815 21.83 8.20 -11.53
N ARG A 816 20.84 7.58 -10.87
CA ARG A 816 19.86 8.30 -10.05
C ARG A 816 20.21 8.19 -8.55
N SER A 817 19.81 9.21 -7.79
CA SER A 817 19.91 9.22 -6.32
C SER A 817 19.18 8.01 -5.73
N TYR A 818 19.70 7.44 -4.67
CA TYR A 818 19.13 6.21 -4.08
C TYR A 818 17.71 6.55 -3.60
N SER A 819 17.47 7.67 -2.95
CA SER A 819 16.09 7.99 -2.50
CA SER A 819 16.09 7.96 -2.48
C SER A 819 15.15 8.07 -3.68
N GLU A 820 15.59 8.58 -4.82
CA GLU A 820 14.72 8.63 -6.02
C GLU A 820 14.38 7.20 -6.46
N ILE A 821 15.36 6.32 -6.41
CA ILE A 821 15.14 4.88 -6.77
C ILE A 821 14.20 4.27 -5.74
N LEU A 822 14.32 4.59 -4.46
CA LEU A 822 13.35 4.05 -3.48
C LEU A 822 11.95 4.53 -3.80
N THR A 823 11.77 5.78 -4.16
CA THR A 823 10.45 6.27 -4.58
C THR A 823 9.96 5.48 -5.80
N LEU A 824 10.80 5.25 -6.79
CA LEU A 824 10.42 4.47 -7.99
C LEU A 824 9.99 3.07 -7.57
N LYS A 825 10.68 2.48 -6.58
CA LYS A 825 10.34 1.08 -6.21
C LYS A 825 9.00 1.01 -5.47
N THR A 826 8.54 2.12 -4.90
CA THR A 826 7.23 2.13 -4.22
C THR A 826 6.09 2.51 -5.17
N TYR A 827 6.38 2.99 -6.39
CA TYR A 827 5.34 3.43 -7.34
C TYR A 827 4.42 2.25 -7.64
N LEU A 828 3.13 2.57 -7.76
CA LEU A 828 2.11 1.61 -8.21
C LEU A 828 1.43 2.25 -9.43
N HIS A 829 1.40 1.52 -10.53
CA HIS A 829 0.59 1.99 -11.69
C HIS A 829 -0.84 1.54 -11.46
N THR A 830 -1.80 2.45 -11.24
N THR A 830 -1.70 2.50 -11.22
CA THR A 830 -3.16 2.06 -10.71
CA THR A 830 -3.15 2.22 -11.29
C THR A 830 -4.21 1.87 -11.85
C THR A 830 -3.60 2.74 -12.66
N TYR A 831 -4.04 2.52 -13.00
N TYR A 831 -4.57 2.04 -13.18
CA TYR A 831 -4.94 2.35 -14.18
CA TYR A 831 -5.18 2.37 -14.47
C TYR A 831 -6.35 2.95 -13.90
C TYR A 831 -6.34 3.31 -14.18
N GLU A 832 -6.42 3.90 -12.96
CA GLU A 832 -7.64 4.69 -12.68
C GLU A 832 -7.57 5.92 -13.60
N SER A 833 -8.71 6.51 -13.96
CA SER A 833 -8.79 7.72 -14.83
C SER A 833 -8.38 8.98 -14.04
C1 NAG B . 5.66 -5.84 7.14
C2 NAG B . 6.24 -7.05 6.51
C3 NAG B . 6.25 -8.15 7.55
C4 NAG B . 6.96 -7.78 8.83
C5 NAG B . 6.51 -6.41 9.28
C6 NAG B . 7.41 -5.86 10.43
C7 NAG B . 6.00 -7.52 4.07
C8 NAG B . 5.14 -8.13 3.08
N2 NAG B . 5.49 -7.46 5.31
O3 NAG B . 6.81 -9.35 6.99
O4 NAG B . 6.50 -8.67 9.87
O5 NAG B . 6.57 -5.45 8.21
O6 NAG B . 8.77 -5.87 10.02
O7 NAG B . 7.18 -7.15 3.81
C1 NAG B . 7.49 -9.30 10.65
C2 NAG B . 6.83 -9.73 11.97
C3 NAG B . 7.81 -10.62 12.72
C4 NAG B . 8.35 -11.80 11.88
C5 NAG B . 8.67 -11.52 10.39
C6 NAG B . 8.46 -12.84 9.47
C7 NAG B . 5.15 -8.08 12.66
C8 NAG B . 4.97 -6.78 13.44
N2 NAG B . 6.34 -8.58 12.77
O3 NAG B . 7.10 -11.05 13.91
O4 NAG B . 9.60 -12.18 12.48
O5 NAG B . 7.80 -10.44 9.88
O6 NAG B . 7.02 -13.24 9.12
O7 NAG B . 4.20 -8.45 11.99
C1 MAN B . 9.56 -13.08 13.66
C2 MAN B . 10.08 -14.45 13.21
C3 MAN B . 9.70 -15.65 14.15
C4 MAN B . 9.46 -15.08 15.57
C5 MAN B . 8.30 -14.06 15.58
C6 MAN B . 8.26 -13.17 16.86
O2 MAN B . 11.46 -14.11 13.11
O3 MAN B . 10.68 -16.76 14.15
O4 MAN B . 9.11 -16.07 16.55
O5 MAN B . 8.31 -13.23 14.39
O6 MAN B . 6.93 -12.62 16.85
C1 MAN B . 6.55 -11.88 18.02
C2 MAN B . 5.10 -11.38 17.79
C3 MAN B . 5.11 -10.14 16.85
C4 MAN B . 6.02 -9.04 17.38
C5 MAN B . 7.47 -9.59 17.54
C6 MAN B . 8.46 -8.52 18.06
O2 MAN B . 4.51 -11.09 19.07
O3 MAN B . 3.81 -9.53 16.54
O4 MAN B . 5.92 -7.87 16.52
O5 MAN B . 7.43 -10.78 18.39
O6 MAN B . 7.89 -7.74 19.15
C1 MAN B . 2.97 -10.47 15.78
C2 MAN B . 1.94 -9.67 14.97
C3 MAN B . 0.94 -8.89 15.88
C4 MAN B . 0.32 -9.86 16.88
C5 MAN B . 1.37 -10.80 17.54
C6 MAN B . 0.74 -11.96 18.30
O2 MAN B . 1.20 -10.63 14.21
O3 MAN B . -0.11 -8.25 15.10
O4 MAN B . -0.45 -9.06 17.79
O5 MAN B . 2.20 -11.42 16.53
O6 MAN B . 0.19 -12.87 17.30
C1 MAN B . 1.60 -10.60 12.78
C2 MAN B . 0.49 -11.20 11.89
C3 MAN B . 0.37 -12.68 12.18
C4 MAN B . 1.72 -13.41 12.03
C5 MAN B . 2.77 -12.72 12.93
C6 MAN B . 4.14 -13.41 12.85
O2 MAN B . 0.80 -11.11 10.50
O3 MAN B . -0.58 -13.20 11.26
O4 MAN B . 1.56 -14.78 12.39
O5 MAN B . 2.86 -11.30 12.57
O6 MAN B . 4.94 -12.99 13.98
C1 MAN B . 10.18 -18.13 13.84
C2 MAN B . 11.05 -19.28 14.46
C3 MAN B . 12.46 -19.21 13.87
C4 MAN B . 12.35 -19.47 12.37
C5 MAN B . 11.31 -18.53 11.70
C6 MAN B . 10.94 -19.00 10.30
O2 MAN B . 10.56 -20.63 14.18
O3 MAN B . 13.34 -20.19 14.45
O4 MAN B . 13.67 -19.34 11.81
O5 MAN B . 10.06 -18.39 12.43
O6 MAN B . 11.54 -18.15 9.30
C1 MAN B . 9.80 -21.33 15.22
C2 MAN B . 9.84 -22.89 15.12
C3 MAN B . 9.04 -23.42 13.89
C4 MAN B . 7.62 -22.79 13.94
C5 MAN B . 7.73 -21.25 13.98
C6 MAN B . 6.40 -20.49 13.84
O2 MAN B . 9.36 -23.43 16.38
O3 MAN B . 8.99 -24.88 13.72
O4 MAN B . 6.79 -23.15 12.83
O5 MAN B . 8.42 -20.91 15.21
O6 MAN B . 5.57 -20.65 15.00
O12 YFI C . -14.62 6.35 15.02
C13 YFI C . -13.24 4.31 14.63
C15 YFI C . -7.09 9.10 15.90
C16 YFI C . -6.04 10.18 15.63
C17 YFI C . -4.93 9.37 15.04
C18 YFI C . -5.08 8.00 15.33
C19 YFI C . -6.26 7.81 16.19
C20 YFI C . -4.14 7.04 14.86
C21 YFI C . -3.10 7.50 14.06
C22 YFI C . -3.00 8.78 13.80
C23 YFI C . -3.92 9.82 14.27
C25 YFI C . -4.30 5.71 15.22
N1 YFI C . -8.01 9.45 17.00
C2 YFI C . -9.22 8.91 17.16
N3 YFI C . -9.58 8.01 16.20
C4 YFI C . -10.78 7.45 16.40
C5 YFI C . -11.57 7.70 17.50
C6 YFI C . -11.09 8.60 18.40
N7 YFI C . -9.93 9.27 18.24
C8 YFI C . -12.85 6.92 17.45
N9 YFI C . -12.65 6.23 16.23
S10 YFI C . -13.91 5.37 15.56
O11 YFI C . -14.46 4.47 16.67
C14 YFI C . -11.37 6.50 15.47
CL24 YFI C . -1.63 9.31 12.80
N26 YFI C . -4.41 4.60 15.49
CA CA D . -12.80 6.55 8.61
K K E . 2.04 -31.73 -19.24
C ACT F . -13.64 -1.75 -8.06
O ACT F . -12.59 -1.61 -8.82
OXT ACT F . -14.74 -1.26 -8.33
CH3 ACT F . -13.52 -2.57 -6.76
C ACT G . -14.96 -4.69 7.92
O ACT G . -14.45 -5.43 8.58
OXT ACT G . -14.93 -3.46 8.15
CH3 ACT G . -15.87 -5.25 6.86
C ACT H . -16.98 3.70 9.31
O ACT H . -17.29 2.86 8.41
OXT ACT H . -16.98 4.95 9.14
CH3 ACT H . -16.76 3.16 10.73
ZN ZN I . -17.14 5.77 7.54
NA NA J . -13.25 -17.63 -16.77
CA CA K . 6.29 -16.89 1.71
#